data_8EN1
#
_entry.id   8EN1
#
_cell.length_a   117.767
_cell.length_b   62.443
_cell.length_c   121.396
_cell.angle_alpha   90.000
_cell.angle_beta   101.240
_cell.angle_gamma   90.000
#
_symmetry.space_group_name_H-M   'I 1 2 1'
#
loop_
_entity.id
_entity.type
_entity.pdbx_description
1 polymer 'GII.4 P domain'
2 polymer 'Nanobody 30'
3 water water
#
loop_
_entity_poly.entity_id
_entity_poly.type
_entity_poly.pdbx_seq_one_letter_code
_entity_poly.pdbx_strand_id
1 'polypeptide(L)'
;TKPFSVPVLTVEEMTNSRFPIPLEKLFTGPSSAFVVQPQNGRCTTDGVLLGTTQLSPVNICTFRGDVTHITGSRNYTMNL
ASQNWNDYDPTEEIPAPLGTPDFVGKIQGVLTQTTRTDGSTRGHKATVYTGSADFAPKLGRVQFETDTDRDFEANQNTKF
TPVGVIQDGGTTHRNEPQQWVLPSYSGRNTHNVHLAPAVAPTFPGEQLLFFRSTMPGCSGYPNMDLDCLLPQEWVQYFYQ
EAAPAQSDVALLRFVNPDTGRVLFECKLHKSGYVTVAHTGQHDLVIPPNGYFRFDSWVNQFYTLAPMGNGTGRRRAV
;
A,B
2 'polypeptide(L)'
;QVQLQESGGGLVQAGGSLNLACVSSGRTFSTWLMGWFRQAPGKEREFVASIDWRSSSTTYADSVKGRFTISRDNAKNTMY
LQMTGLKPEDTAVYYCASDRDHYSGTYYGRRFVEEYDYWGQGTQVTVSSHHHHHH
;
C,D
#
# COMPACT_ATOMS: atom_id res chain seq x y z
N THR A 1 3.06 3.26 -33.32
CA THR A 1 2.35 3.05 -32.06
C THR A 1 3.14 2.13 -31.14
N LYS A 2 3.34 2.58 -29.90
CA LYS A 2 4.10 1.79 -28.94
C LYS A 2 3.40 0.45 -28.69
N PRO A 3 4.16 -0.65 -28.63
CA PRO A 3 3.55 -1.96 -28.38
C PRO A 3 2.90 -2.02 -27.00
N PHE A 4 1.66 -2.46 -26.98
CA PHE A 4 0.95 -2.67 -25.71
C PHE A 4 1.51 -3.88 -24.98
N SER A 5 1.38 -3.86 -23.66
CA SER A 5 1.81 -4.99 -22.84
C SER A 5 1.17 -4.88 -21.46
N VAL A 6 1.37 -5.91 -20.66
CA VAL A 6 0.78 -6.04 -19.34
C VAL A 6 1.88 -6.40 -18.35
N PRO A 7 1.83 -5.90 -17.11
CA PRO A 7 2.85 -6.27 -16.12
C PRO A 7 2.90 -7.79 -15.91
N VAL A 8 4.11 -8.28 -15.61
CA VAL A 8 4.32 -9.71 -15.44
C VAL A 8 4.32 -10.13 -13.97
N LEU A 9 3.93 -9.24 -13.07
CA LEU A 9 3.77 -9.62 -11.68
C LEU A 9 2.65 -10.64 -11.55
N THR A 10 2.84 -11.63 -10.69
CA THR A 10 1.76 -12.55 -10.39
C THR A 10 0.68 -11.83 -9.59
N VAL A 11 -0.53 -12.37 -9.65
CA VAL A 11 -1.65 -11.80 -8.88
C VAL A 11 -1.28 -11.69 -7.42
N GLU A 12 -0.61 -12.72 -6.89
CA GLU A 12 -0.14 -12.74 -5.51
C GLU A 12 0.80 -11.57 -5.19
N GLU A 13 1.45 -10.99 -6.19
CA GLU A 13 2.41 -9.92 -6.01
C GLU A 13 1.83 -8.54 -6.26
N MET A 14 0.53 -8.42 -6.45
CA MET A 14 -0.08 -7.16 -6.84
C MET A 14 -1.09 -6.70 -5.79
N THR A 15 -1.57 -5.47 -5.96
CA THR A 15 -2.35 -4.78 -4.95
C THR A 15 -3.76 -4.52 -5.44
N ASN A 16 -4.74 -4.72 -4.54
CA ASN A 16 -6.10 -4.29 -4.80
C ASN A 16 -6.12 -2.79 -5.06
N SER A 17 -6.93 -2.38 -6.03
CA SER A 17 -7.02 -0.98 -6.43
C SER A 17 -8.15 -0.23 -5.74
N ARG A 18 -8.93 -0.88 -4.89
CA ARG A 18 -10.02 -0.23 -4.17
C ARG A 18 -9.80 -0.17 -2.67
N PHE A 19 -8.71 -0.77 -2.16
CA PHE A 19 -8.35 -0.75 -0.74
C PHE A 19 -6.89 -1.15 -0.66
N PRO A 20 -6.09 -0.49 0.19
CA PRO A 20 -4.65 -0.78 0.22
C PRO A 20 -4.32 -2.12 0.86
N ILE A 21 -4.64 -3.21 0.16
CA ILE A 21 -4.30 -4.56 0.60
C ILE A 21 -3.90 -5.38 -0.61
N PRO A 22 -3.10 -6.42 -0.41
CA PRO A 22 -2.66 -7.25 -1.54
C PRO A 22 -3.81 -8.05 -2.13
N LEU A 23 -3.66 -8.39 -3.41
CA LEU A 23 -4.60 -9.30 -4.04
C LEU A 23 -4.36 -10.72 -3.55
N GLU A 24 -5.45 -11.49 -3.46
CA GLU A 24 -5.38 -12.84 -2.92
C GLU A 24 -5.85 -13.92 -3.88
N LYS A 25 -6.68 -13.60 -4.88
CA LYS A 25 -7.21 -14.59 -5.79
C LYS A 25 -7.96 -13.88 -6.91
N LEU A 26 -8.41 -14.67 -7.88
CA LEU A 26 -9.32 -14.20 -8.92
C LEU A 26 -10.71 -14.75 -8.67
N PHE A 27 -11.71 -14.06 -9.22
CA PHE A 27 -13.10 -14.40 -8.99
C PHE A 27 -13.90 -14.10 -10.25
N THR A 28 -14.75 -15.04 -10.64
CA THR A 28 -15.71 -14.81 -11.71
C THR A 28 -17.03 -15.43 -11.31
N GLY A 29 -18.11 -14.83 -11.78
CA GLY A 29 -19.45 -15.27 -11.46
C GLY A 29 -20.48 -14.30 -11.97
N PRO A 30 -21.76 -14.62 -11.80
CA PRO A 30 -22.82 -13.71 -12.25
C PRO A 30 -22.86 -12.46 -11.38
N SER A 31 -22.89 -11.30 -12.04
CA SER A 31 -23.09 -10.02 -11.36
C SER A 31 -24.36 -9.34 -11.85
N SER A 32 -25.33 -10.12 -12.35
CA SER A 32 -26.54 -9.55 -12.94
C SER A 32 -27.36 -8.77 -11.91
N ALA A 33 -27.30 -9.17 -10.64
CA ALA A 33 -28.09 -8.53 -9.61
C ALA A 33 -27.51 -7.19 -9.13
N PHE A 34 -26.31 -6.84 -9.56
CA PHE A 34 -25.65 -5.61 -9.12
C PHE A 34 -25.40 -4.69 -10.30
N VAL A 35 -25.22 -3.41 -9.99
CA VAL A 35 -24.59 -2.45 -10.90
C VAL A 35 -23.12 -2.40 -10.52
N VAL A 36 -22.26 -2.92 -11.39
CA VAL A 36 -20.83 -2.96 -11.14
C VAL A 36 -20.26 -1.64 -11.65
N GLN A 37 -20.17 -0.65 -10.77
CA GLN A 37 -19.69 0.69 -11.13
C GLN A 37 -18.72 1.21 -10.08
N PRO A 38 -17.58 0.54 -9.89
CA PRO A 38 -16.58 1.06 -8.96
C PRO A 38 -15.89 2.27 -9.55
N GLN A 39 -15.47 3.19 -8.67
CA GLN A 39 -14.81 4.42 -9.10
C GLN A 39 -13.30 4.37 -8.97
N ASN A 40 -12.77 3.60 -8.02
CA ASN A 40 -11.34 3.41 -7.91
C ASN A 40 -10.91 2.21 -8.75
N GLY A 41 -9.66 2.23 -9.19
CA GLY A 41 -9.15 1.17 -10.04
C GLY A 41 -9.73 1.17 -11.43
N ARG A 42 -10.11 2.33 -11.95
CA ARG A 42 -10.66 2.47 -13.28
C ARG A 42 -9.66 3.19 -14.16
N CYS A 43 -9.28 2.56 -15.27
CA CYS A 43 -8.25 3.11 -16.16
C CYS A 43 -8.36 2.43 -17.51
N THR A 44 -8.24 3.21 -18.57
CA THR A 44 -8.22 2.63 -19.91
C THR A 44 -6.86 1.99 -20.18
N THR A 45 -6.85 1.05 -21.12
CA THR A 45 -5.62 0.35 -21.46
C THR A 45 -4.58 1.27 -22.08
N ASP A 46 -4.99 2.40 -22.68
CA ASP A 46 -4.05 3.38 -23.19
C ASP A 46 -3.79 4.52 -22.21
N GLY A 47 -4.19 4.36 -20.95
CA GLY A 47 -3.68 5.17 -19.87
C GLY A 47 -4.50 6.36 -19.42
N VAL A 48 -5.82 6.32 -19.58
CA VAL A 48 -6.69 7.41 -19.15
C VAL A 48 -7.33 7.01 -17.83
N LEU A 49 -6.97 7.71 -16.76
CA LEU A 49 -7.56 7.45 -15.45
C LEU A 49 -9.00 7.96 -15.41
N LEU A 50 -9.89 7.16 -14.82
CA LEU A 50 -11.31 7.47 -14.77
C LEU A 50 -11.80 7.50 -13.34
N GLY A 51 -13.04 7.95 -13.17
CA GLY A 51 -13.65 7.94 -11.85
C GLY A 51 -12.87 8.78 -10.86
N THR A 52 -12.58 8.18 -9.71
CA THR A 52 -11.78 8.80 -8.66
C THR A 52 -10.41 8.15 -8.54
N THR A 53 -9.89 7.63 -9.66
CA THR A 53 -8.69 6.79 -9.64
C THR A 53 -7.43 7.63 -9.68
N GLN A 54 -6.56 7.42 -8.71
CA GLN A 54 -5.22 7.99 -8.68
C GLN A 54 -4.19 6.86 -8.66
N LEU A 55 -2.92 7.22 -8.55
CA LEU A 55 -1.83 6.28 -8.85
C LEU A 55 -1.21 5.63 -7.62
N SER A 56 -1.43 6.16 -6.43
CA SER A 56 -0.76 5.59 -5.26
C SER A 56 -1.53 4.40 -4.71
N PRO A 57 -0.88 3.26 -4.50
CA PRO A 57 -1.60 2.12 -3.90
C PRO A 57 -1.96 2.34 -2.45
N VAL A 58 -1.24 3.20 -1.73
CA VAL A 58 -1.52 3.45 -0.32
C VAL A 58 -2.43 4.66 -0.11
N ASN A 59 -2.63 5.49 -1.13
CA ASN A 59 -3.56 6.62 -1.04
C ASN A 59 -4.98 6.24 -1.46
N ILE A 60 -5.43 5.06 -1.06
CA ILE A 60 -6.77 4.58 -1.36
C ILE A 60 -7.53 4.46 -0.05
N CYS A 61 -8.72 5.08 0.00
CA CYS A 61 -9.54 5.20 1.21
C CYS A 61 -8.84 6.00 2.30
N THR A 62 -7.81 6.76 1.95
CA THR A 62 -7.17 7.68 2.88
C THR A 62 -7.82 9.05 2.78
N PHE A 63 -7.77 9.78 3.89
CA PHE A 63 -8.29 11.14 3.95
C PHE A 63 -7.24 12.07 4.55
N ARG A 64 -7.11 13.26 3.97
CA ARG A 64 -6.17 14.26 4.44
C ARG A 64 -6.85 15.61 4.50
N GLY A 65 -6.48 16.40 5.51
CA GLY A 65 -7.04 17.75 5.68
C GLY A 65 -6.85 18.22 7.11
N ASP A 66 -7.75 19.11 7.53
CA ASP A 66 -7.81 19.58 8.91
C ASP A 66 -9.18 19.24 9.49
N VAL A 67 -9.27 19.22 10.82
CA VAL A 67 -10.46 18.71 11.48
C VAL A 67 -11.06 19.80 12.36
N THR A 68 -12.38 19.72 12.52
CA THR A 68 -13.15 20.62 13.38
C THR A 68 -14.04 19.76 14.28
N HIS A 69 -13.96 20.00 15.59
CA HIS A 69 -14.73 19.20 16.54
C HIS A 69 -16.19 19.63 16.54
N ILE A 70 -17.07 18.64 16.68
CA ILE A 70 -18.51 18.87 16.81
C ILE A 70 -18.86 18.73 18.29
N THR A 71 -19.30 19.83 18.89
CA THR A 71 -19.49 19.88 20.33
C THR A 71 -20.56 18.89 20.79
N GLY A 72 -20.40 18.39 22.00
CA GLY A 72 -21.31 17.37 22.52
C GLY A 72 -21.16 16.03 21.83
N SER A 73 -19.98 15.73 21.30
CA SER A 73 -19.78 14.52 20.52
C SER A 73 -18.31 14.13 20.57
N ARG A 74 -18.03 12.91 20.09
CA ARG A 74 -16.68 12.48 19.77
C ARG A 74 -16.47 12.42 18.26
N ASN A 75 -17.26 13.16 17.51
CA ASN A 75 -17.21 13.19 16.05
C ASN A 75 -16.43 14.40 15.57
N TYR A 76 -15.72 14.23 14.47
CA TYR A 76 -14.91 15.29 13.89
C TYR A 76 -15.25 15.45 12.41
N THR A 77 -15.42 16.70 11.99
CA THR A 77 -15.54 17.03 10.58
C THR A 77 -14.16 17.28 10.01
N MET A 78 -13.85 16.63 8.88
CA MET A 78 -12.60 16.86 8.18
C MET A 78 -12.88 17.69 6.93
N ASN A 79 -12.32 18.90 6.91
CA ASN A 79 -12.30 19.69 5.68
C ASN A 79 -11.17 19.18 4.80
N LEU A 80 -11.53 18.67 3.62
CA LEU A 80 -10.63 17.82 2.86
C LEU A 80 -9.66 18.63 2.01
N ALA A 81 -8.41 18.19 2.01
CA ALA A 81 -7.44 18.53 0.97
C ALA A 81 -7.28 17.32 0.06
N SER A 82 -6.65 17.54 -1.10
CA SER A 82 -6.38 16.43 -1.99
C SER A 82 -5.29 15.53 -1.41
N GLN A 83 -5.07 14.38 -2.06
CA GLN A 83 -4.16 13.38 -1.52
C GLN A 83 -2.72 13.90 -1.41
N ASN A 84 -2.39 15.00 -2.10
CA ASN A 84 -1.06 15.58 -2.02
C ASN A 84 -1.05 16.93 -1.31
N TRP A 85 -2.06 17.19 -0.48
CA TRP A 85 -2.19 18.39 0.34
C TRP A 85 -2.39 19.66 -0.47
N ASN A 86 -2.86 19.53 -1.71
CA ASN A 86 -3.33 20.69 -2.45
C ASN A 86 -4.74 21.05 -2.02
N ASP A 87 -5.11 22.31 -2.24
CA ASP A 87 -6.50 22.72 -2.08
C ASP A 87 -7.39 21.80 -2.92
N TYR A 88 -8.50 21.36 -2.33
CA TYR A 88 -9.46 20.54 -3.05
C TYR A 88 -10.51 21.46 -3.68
N ASP A 89 -10.63 21.40 -5.01
CA ASP A 89 -11.58 22.23 -5.73
C ASP A 89 -12.81 21.41 -6.05
N PRO A 90 -13.98 21.74 -5.50
CA PRO A 90 -15.19 20.95 -5.77
C PRO A 90 -15.68 21.04 -7.21
N THR A 91 -15.13 21.91 -8.03
CA THR A 91 -15.60 22.09 -9.40
C THR A 91 -14.80 21.28 -10.42
N GLU A 92 -13.75 20.58 -9.99
CA GLU A 92 -13.06 19.67 -10.89
C GLU A 92 -14.02 18.57 -11.34
N GLU A 93 -13.85 18.11 -12.57
CA GLU A 93 -14.78 17.16 -13.20
C GLU A 93 -14.49 15.74 -12.73
N ILE A 94 -14.71 15.52 -11.43
CA ILE A 94 -14.57 14.20 -10.82
C ILE A 94 -15.70 13.96 -9.84
N PRO A 95 -16.02 12.70 -9.54
CA PRO A 95 -17.10 12.43 -8.59
C PRO A 95 -16.78 12.85 -7.17
N ALA A 96 -15.51 12.82 -6.78
CA ALA A 96 -15.07 13.05 -5.42
C ALA A 96 -13.56 13.22 -5.41
N PRO A 97 -12.94 13.63 -4.31
CA PRO A 97 -11.47 13.66 -4.26
C PRO A 97 -10.89 12.30 -4.61
N LEU A 98 -9.81 12.31 -5.38
CA LEU A 98 -9.23 11.07 -5.87
C LEU A 98 -8.83 10.17 -4.71
N GLY A 99 -9.19 8.88 -4.82
CA GLY A 99 -8.97 7.94 -3.76
C GLY A 99 -10.13 7.81 -2.78
N THR A 100 -11.19 8.57 -2.96
CA THR A 100 -12.35 8.48 -2.08
C THR A 100 -12.94 7.08 -2.13
N PRO A 101 -13.37 6.52 -0.99
CA PRO A 101 -13.99 5.19 -1.02
C PRO A 101 -15.19 5.14 -1.96
N ASP A 102 -15.33 4.02 -2.66
CA ASP A 102 -16.36 3.85 -3.68
C ASP A 102 -17.40 2.81 -3.29
N PHE A 103 -17.64 2.65 -1.98
CA PHE A 103 -18.63 1.68 -1.53
C PHE A 103 -19.17 2.11 -0.18
N VAL A 104 -20.40 1.68 0.11
CA VAL A 104 -21.08 2.05 1.34
C VAL A 104 -20.67 1.08 2.45
N GLY A 105 -20.22 1.63 3.57
CA GLY A 105 -19.82 0.82 4.70
C GLY A 105 -19.14 1.67 5.75
N LYS A 106 -18.83 1.01 6.87
CA LYS A 106 -18.13 1.64 7.99
C LYS A 106 -16.68 1.21 7.95
N ILE A 107 -15.79 2.13 7.61
CA ILE A 107 -14.37 1.84 7.46
C ILE A 107 -13.65 2.32 8.72
N GLN A 108 -12.98 1.40 9.40
CA GLN A 108 -12.25 1.70 10.62
C GLN A 108 -10.79 1.93 10.31
N GLY A 109 -10.19 2.89 10.99
CA GLY A 109 -8.78 3.20 10.83
C GLY A 109 -8.28 4.02 11.99
N VAL A 110 -7.31 4.88 11.72
CA VAL A 110 -6.71 5.74 12.72
C VAL A 110 -6.59 7.15 12.17
N LEU A 111 -6.92 8.14 13.01
CA LEU A 111 -6.69 9.55 12.70
C LEU A 111 -5.38 9.97 13.37
N THR A 112 -4.42 10.43 12.58
CA THR A 112 -3.15 10.92 13.08
C THR A 112 -3.04 12.42 12.84
N GLN A 113 -2.34 13.10 13.75
CA GLN A 113 -2.21 14.54 13.67
C GLN A 113 -0.83 14.95 14.15
N THR A 114 -0.21 15.89 13.43
CA THR A 114 1.07 16.48 13.82
C THR A 114 0.89 17.99 13.94
N THR A 115 1.30 18.55 15.07
CA THR A 115 1.30 19.99 15.28
C THR A 115 2.62 20.55 14.76
N ARG A 116 2.53 21.49 13.82
CA ARG A 116 3.72 22.01 13.15
C ARG A 116 4.54 22.96 14.01
N THR A 117 4.03 23.39 15.17
CA THR A 117 4.77 24.32 16.01
C THR A 117 5.80 23.63 16.89
N ASP A 118 5.66 22.32 17.12
CA ASP A 118 6.64 21.62 17.93
C ASP A 118 6.77 20.14 17.59
N GLY A 119 6.08 19.63 16.57
CA GLY A 119 6.22 18.23 16.21
C GLY A 119 5.58 17.26 17.17
N SER A 120 4.61 17.70 17.96
CA SER A 120 3.84 16.80 18.80
C SER A 120 2.80 16.07 17.95
N THR A 121 2.59 14.79 18.26
CA THR A 121 1.73 13.94 17.45
C THR A 121 0.75 13.19 18.33
N ARG A 122 -0.29 12.66 17.70
CA ARG A 122 -1.32 11.89 18.39
C ARG A 122 -2.07 11.03 17.39
N GLY A 123 -2.58 9.90 17.87
CA GLY A 123 -3.38 9.01 17.05
C GLY A 123 -4.59 8.49 17.81
N HIS A 124 -5.70 8.33 17.11
CA HIS A 124 -6.94 7.86 17.72
C HIS A 124 -7.69 6.96 16.77
N LYS A 125 -8.32 5.92 17.32
CA LYS A 125 -9.20 5.08 16.53
C LYS A 125 -10.34 5.92 15.96
N ALA A 126 -10.61 5.74 14.67
CA ALA A 126 -11.63 6.53 13.99
C ALA A 126 -12.39 5.66 13.01
N THR A 127 -13.68 5.92 12.88
CA THR A 127 -14.54 5.23 11.93
C THR A 127 -15.26 6.27 11.09
N VAL A 128 -15.30 6.04 9.78
CA VAL A 128 -16.07 6.86 8.85
C VAL A 128 -17.14 5.97 8.23
N TYR A 129 -18.37 6.46 8.19
CA TYR A 129 -19.49 5.73 7.61
C TYR A 129 -19.86 6.42 6.30
N THR A 130 -19.39 5.83 5.19
CA THR A 130 -19.59 6.40 3.86
C THR A 130 -21.03 6.36 3.39
N GLY A 131 -21.94 5.80 4.18
CA GLY A 131 -23.37 5.89 3.91
C GLY A 131 -24.11 6.97 4.67
N SER A 132 -23.46 7.67 5.59
CA SER A 132 -24.11 8.68 6.41
C SER A 132 -24.41 9.94 5.61
N ALA A 133 -25.44 10.67 6.05
CA ALA A 133 -25.85 11.89 5.35
C ALA A 133 -24.73 12.92 5.32
N ASP A 134 -23.87 12.94 6.34
CA ASP A 134 -22.76 13.88 6.41
C ASP A 134 -21.50 13.35 5.73
N PHE A 135 -21.63 12.39 4.82
CA PHE A 135 -20.51 11.93 4.00
C PHE A 135 -20.62 12.66 2.67
N ALA A 136 -19.83 13.72 2.50
CA ALA A 136 -19.91 14.56 1.31
C ALA A 136 -18.52 14.94 0.82
N PRO A 137 -17.71 13.95 0.41
CA PRO A 137 -16.35 14.28 -0.07
C PRO A 137 -16.35 15.17 -1.29
N LYS A 138 -17.33 15.03 -2.19
CA LYS A 138 -17.41 15.89 -3.35
C LYS A 138 -17.54 17.36 -2.96
N LEU A 139 -18.19 17.63 -1.82
CA LEU A 139 -18.24 18.98 -1.26
C LEU A 139 -17.05 19.31 -0.39
N GLY A 140 -16.13 18.36 -0.20
CA GLY A 140 -14.96 18.57 0.63
C GLY A 140 -15.20 18.38 2.11
N ARG A 141 -16.19 17.57 2.50
CA ARG A 141 -16.64 17.48 3.88
C ARG A 141 -16.92 16.02 4.23
N VAL A 142 -16.26 15.52 5.27
CA VAL A 142 -16.42 14.14 5.72
C VAL A 142 -16.39 14.13 7.24
N GLN A 143 -17.19 13.26 7.85
CA GLN A 143 -17.32 13.16 9.30
C GLN A 143 -16.71 11.85 9.79
N PHE A 144 -15.93 11.94 10.87
CA PHE A 144 -15.28 10.79 11.49
C PHE A 144 -15.79 10.61 12.91
N GLU A 145 -15.96 9.34 13.31
CA GLU A 145 -16.34 8.99 14.67
C GLU A 145 -15.10 8.46 15.38
N THR A 146 -14.66 9.16 16.42
CA THR A 146 -13.44 8.81 17.15
C THR A 146 -13.77 8.49 18.61
N ASP A 147 -12.72 8.29 19.40
CA ASP A 147 -12.83 7.95 20.81
C ASP A 147 -12.38 9.10 21.72
N THR A 148 -12.46 10.34 21.23
CA THR A 148 -12.03 11.48 22.01
C THR A 148 -12.84 12.71 21.61
N ASP A 149 -12.91 13.66 22.53
CA ASP A 149 -13.67 14.89 22.35
C ASP A 149 -12.80 16.13 22.53
N ARG A 150 -11.47 15.99 22.54
CA ARG A 150 -10.63 17.10 22.96
C ARG A 150 -9.23 17.07 22.36
N ASP A 151 -8.70 15.90 22.04
CA ASP A 151 -7.27 15.79 21.78
C ASP A 151 -6.85 16.37 20.44
N PHE A 152 -7.77 16.51 19.49
CA PHE A 152 -7.41 17.01 18.17
C PHE A 152 -7.50 18.53 18.13
N GLU A 153 -6.52 19.14 17.46
CA GLU A 153 -6.45 20.59 17.33
C GLU A 153 -6.90 21.01 15.94
N ALA A 154 -7.44 22.23 15.86
CA ALA A 154 -7.83 22.79 14.57
C ALA A 154 -6.61 23.30 13.81
N ASN A 155 -6.75 23.36 12.49
CA ASN A 155 -5.75 23.95 11.59
C ASN A 155 -4.41 23.24 11.70
N GLN A 156 -4.44 21.92 11.86
CA GLN A 156 -3.24 21.09 11.87
C GLN A 156 -3.43 19.92 10.92
N ASN A 157 -2.33 19.48 10.31
CA ASN A 157 -2.38 18.40 9.34
C ASN A 157 -2.90 17.12 9.97
N THR A 158 -3.88 16.50 9.32
CA THR A 158 -4.53 15.31 9.84
C THR A 158 -4.70 14.29 8.72
N LYS A 159 -4.43 13.03 9.03
CA LYS A 159 -4.50 11.95 8.05
C LYS A 159 -5.29 10.78 8.62
N PHE A 160 -6.19 10.24 7.81
CA PHE A 160 -6.88 8.99 8.12
C PHE A 160 -6.23 7.85 7.35
N THR A 161 -5.76 6.84 8.08
CA THR A 161 -5.25 5.63 7.46
C THR A 161 -6.29 4.53 7.61
N PRO A 162 -6.77 3.92 6.53
CA PRO A 162 -7.74 2.83 6.68
C PRO A 162 -7.06 1.54 7.12
N VAL A 163 -7.80 0.76 7.89
CA VAL A 163 -7.36 -0.55 8.35
C VAL A 163 -8.29 -1.66 7.88
N GLY A 164 -9.58 -1.52 8.17
CA GLY A 164 -10.53 -2.53 7.76
C GLY A 164 -11.95 -2.00 7.86
N VAL A 165 -12.90 -2.95 7.97
CA VAL A 165 -14.32 -2.64 7.95
C VAL A 165 -14.99 -3.35 9.13
N ILE A 166 -16.16 -2.83 9.52
CA ILE A 166 -16.92 -3.38 10.63
C ILE A 166 -18.37 -3.58 10.20
N GLN A 167 -19.03 -4.50 10.91
CA GLN A 167 -20.48 -4.67 10.87
C GLN A 167 -20.96 -4.64 12.30
N ASP A 168 -22.12 -4.02 12.54
CA ASP A 168 -22.59 -3.90 13.91
C ASP A 168 -24.02 -4.41 14.09
N GLY A 169 -24.59 -4.13 15.25
CA GLY A 169 -25.99 -4.40 15.54
C GLY A 169 -26.40 -5.86 15.50
N GLY A 170 -27.66 -6.10 15.88
CA GLY A 170 -28.27 -7.40 15.71
C GLY A 170 -29.01 -7.46 14.39
N THR A 171 -28.27 -7.45 13.30
CA THR A 171 -28.81 -7.66 11.97
C THR A 171 -28.15 -8.91 11.37
N THR A 172 -28.60 -9.29 10.18
CA THR A 172 -28.06 -10.47 9.52
C THR A 172 -26.57 -10.30 9.27
N HIS A 173 -25.85 -11.43 9.29
CA HIS A 173 -24.41 -11.40 9.08
C HIS A 173 -24.08 -11.09 7.62
N ARG A 174 -22.94 -10.41 7.44
CA ARG A 174 -22.40 -10.05 6.13
C ARG A 174 -23.33 -9.13 5.34
N ASN A 175 -24.19 -8.38 6.03
CA ASN A 175 -25.06 -7.40 5.39
C ASN A 175 -24.33 -6.11 5.03
N GLU A 176 -23.04 -6.01 5.35
CA GLU A 176 -22.34 -4.75 5.39
C GLU A 176 -20.84 -5.02 5.41
N PRO A 177 -20.02 -4.31 4.61
CA PRO A 177 -20.34 -3.27 3.63
C PRO A 177 -21.05 -3.81 2.39
N GLN A 178 -21.53 -2.91 1.54
CA GLN A 178 -22.13 -3.23 0.25
C GLN A 178 -21.17 -2.73 -0.83
N GLN A 179 -20.34 -3.63 -1.34
CA GLN A 179 -19.20 -3.23 -2.18
C GLN A 179 -19.62 -2.73 -3.56
N TRP A 180 -20.88 -2.91 -3.96
CA TRP A 180 -21.34 -2.46 -5.27
C TRP A 180 -22.38 -1.34 -5.16
N VAL A 181 -22.45 -0.68 -4.01
CA VAL A 181 -23.35 0.45 -3.80
C VAL A 181 -22.49 1.69 -3.63
N LEU A 182 -22.51 2.56 -4.63
CA LEU A 182 -21.72 3.77 -4.57
C LEU A 182 -22.29 4.73 -3.52
N PRO A 183 -21.43 5.39 -2.74
CA PRO A 183 -21.93 6.41 -1.83
C PRO A 183 -22.42 7.63 -2.59
N SER A 184 -23.27 8.40 -1.92
CA SER A 184 -23.65 9.72 -2.44
C SER A 184 -22.52 10.69 -2.12
N TYR A 185 -21.72 11.02 -3.14
CA TYR A 185 -20.50 11.78 -2.91
C TYR A 185 -20.76 13.21 -2.42
N SER A 186 -21.98 13.72 -2.61
CA SER A 186 -22.32 15.08 -2.19
C SER A 186 -23.34 15.11 -1.06
N GLY A 187 -23.52 14.00 -0.35
CA GLY A 187 -24.47 13.95 0.73
C GLY A 187 -25.82 13.42 0.32
N ARG A 188 -26.75 13.49 1.26
CA ARG A 188 -28.06 12.88 1.08
C ARG A 188 -28.85 13.58 -0.02
N ASN A 189 -29.44 12.79 -0.92
CA ASN A 189 -30.38 13.18 -1.97
C ASN A 189 -29.72 13.84 -3.18
N THR A 190 -28.40 13.79 -3.32
CA THR A 190 -27.72 14.38 -4.45
C THR A 190 -27.33 13.29 -5.46
N HIS A 191 -27.21 13.70 -6.72
CA HIS A 191 -26.81 12.79 -7.78
C HIS A 191 -25.29 12.80 -7.94
N ASN A 192 -24.71 11.62 -8.16
CA ASN A 192 -23.28 11.53 -8.46
C ASN A 192 -23.02 12.03 -9.88
N VAL A 193 -21.79 12.50 -10.11
CA VAL A 193 -21.40 13.10 -11.37
C VAL A 193 -20.06 12.55 -11.82
N HIS A 194 -19.85 12.54 -13.14
CA HIS A 194 -18.55 12.22 -13.74
C HIS A 194 -18.07 10.82 -13.35
N LEU A 195 -19.00 9.88 -13.27
CA LEU A 195 -18.68 8.52 -12.86
C LEU A 195 -18.04 7.74 -14.00
N ALA A 196 -17.09 6.88 -13.66
CA ALA A 196 -16.69 5.84 -14.58
C ALA A 196 -17.90 4.95 -14.87
N PRO A 197 -18.07 4.49 -16.10
CA PRO A 197 -19.31 3.78 -16.44
C PRO A 197 -19.38 2.41 -15.77
N ALA A 198 -20.62 1.96 -15.56
CA ALA A 198 -20.83 0.59 -15.10
C ALA A 198 -20.39 -0.40 -16.16
N VAL A 199 -19.98 -1.58 -15.72
CA VAL A 199 -19.49 -2.60 -16.63
C VAL A 199 -20.33 -3.86 -16.45
N ALA A 200 -20.46 -4.62 -17.54
CA ALA A 200 -21.21 -5.87 -17.54
C ALA A 200 -20.75 -6.68 -18.75
N PRO A 201 -20.77 -8.00 -18.67
CA PRO A 201 -20.45 -8.81 -19.85
C PRO A 201 -21.48 -8.57 -20.95
N THR A 202 -20.98 -8.48 -22.19
CA THR A 202 -21.83 -8.27 -23.36
C THR A 202 -21.94 -9.55 -24.18
N PHE A 203 -20.83 -10.02 -24.75
CA PHE A 203 -20.82 -11.27 -25.49
C PHE A 203 -21.36 -12.40 -24.61
N PRO A 204 -22.33 -13.18 -25.10
CA PRO A 204 -22.94 -14.20 -24.23
C PRO A 204 -22.01 -15.38 -23.99
N GLY A 205 -22.21 -16.04 -22.85
CA GLY A 205 -21.27 -17.04 -22.39
C GLY A 205 -20.06 -16.47 -21.68
N GLU A 206 -20.07 -15.19 -21.36
CA GLU A 206 -18.96 -14.53 -20.70
C GLU A 206 -19.44 -13.88 -19.40
N GLN A 207 -18.51 -13.72 -18.46
CA GLN A 207 -18.78 -13.05 -17.20
C GLN A 207 -17.56 -12.23 -16.81
N LEU A 208 -17.76 -11.28 -15.91
CA LEU A 208 -16.67 -10.42 -15.46
C LEU A 208 -15.67 -11.21 -14.63
N LEU A 209 -14.39 -10.84 -14.76
CA LEU A 209 -13.33 -11.41 -13.96
C LEU A 209 -12.83 -10.34 -12.98
N PHE A 210 -12.81 -10.67 -11.70
CA PHE A 210 -12.49 -9.73 -10.65
C PHE A 210 -11.18 -10.10 -9.96
N PHE A 211 -10.43 -9.08 -9.56
CA PHE A 211 -9.24 -9.24 -8.74
C PHE A 211 -9.66 -9.00 -7.28
N ARG A 212 -9.65 -10.05 -6.48
CA ARG A 212 -10.32 -10.07 -5.19
C ARG A 212 -9.33 -10.06 -4.04
N SER A 213 -9.66 -9.28 -3.01
CA SER A 213 -8.98 -9.31 -1.72
C SER A 213 -10.00 -9.53 -0.63
N THR A 214 -9.50 -9.69 0.60
CA THR A 214 -10.34 -9.80 1.79
C THR A 214 -9.98 -8.64 2.71
N MET A 215 -10.90 -7.71 2.90
CA MET A 215 -10.67 -6.60 3.81
C MET A 215 -10.56 -7.12 5.24
N PRO A 216 -9.56 -6.68 6.01
CA PRO A 216 -9.53 -7.06 7.43
C PRO A 216 -10.78 -6.61 8.15
N GLY A 217 -11.25 -7.45 9.07
CA GLY A 217 -12.41 -7.13 9.88
C GLY A 217 -11.98 -6.62 11.25
N CYS A 218 -12.69 -5.61 11.73
CA CYS A 218 -12.37 -5.01 13.01
C CYS A 218 -13.42 -5.21 14.09
N SER A 219 -14.65 -5.57 13.72
CA SER A 219 -15.72 -5.81 14.66
C SER A 219 -16.92 -6.36 13.90
N GLY A 220 -17.65 -7.26 14.55
CA GLY A 220 -18.88 -7.78 13.98
C GLY A 220 -18.66 -8.86 12.94
N TYR A 221 -19.60 -8.95 12.01
CA TYR A 221 -19.63 -9.99 10.98
C TYR A 221 -19.76 -9.35 9.61
N PRO A 222 -18.74 -8.61 9.17
CA PRO A 222 -18.86 -7.85 7.93
C PRO A 222 -18.67 -8.72 6.70
N ASN A 223 -19.12 -8.18 5.56
CA ASN A 223 -18.83 -8.75 4.24
C ASN A 223 -17.50 -8.17 3.79
N MET A 224 -16.45 -8.99 3.83
CA MET A 224 -15.09 -8.54 3.59
C MET A 224 -14.62 -8.79 2.16
N ASP A 225 -15.50 -9.27 1.29
CA ASP A 225 -15.13 -9.45 -0.12
C ASP A 225 -14.96 -8.08 -0.77
N LEU A 226 -13.86 -7.91 -1.52
CA LEU A 226 -13.62 -6.67 -2.24
C LEU A 226 -13.02 -7.01 -3.59
N ASP A 227 -13.81 -6.88 -4.65
CA ASP A 227 -13.39 -7.17 -6.00
C ASP A 227 -13.07 -5.86 -6.73
N CYS A 228 -12.00 -5.88 -7.52
CA CYS A 228 -11.61 -4.73 -8.32
C CYS A 228 -11.40 -5.17 -9.76
N LEU A 229 -11.55 -4.22 -10.68
CA LEU A 229 -11.50 -4.54 -12.10
C LEU A 229 -10.07 -4.65 -12.63
N LEU A 230 -9.13 -3.89 -12.05
CA LEU A 230 -7.75 -3.93 -12.47
C LEU A 230 -6.86 -3.84 -11.23
N PRO A 231 -5.75 -4.59 -11.19
CA PRO A 231 -4.78 -4.40 -10.12
C PRO A 231 -4.21 -2.99 -10.17
N GLN A 232 -3.89 -2.44 -9.00
CA GLN A 232 -3.39 -1.07 -8.95
C GLN A 232 -2.08 -0.93 -9.71
N GLU A 233 -1.31 -2.02 -9.83
CA GLU A 233 -0.10 -1.97 -10.64
C GLU A 233 -0.43 -1.86 -12.12
N TRP A 234 -1.52 -2.50 -12.56
CA TRP A 234 -1.94 -2.35 -13.95
C TRP A 234 -2.35 -0.92 -14.24
N VAL A 235 -3.01 -0.26 -13.27
CA VAL A 235 -3.35 1.15 -13.43
C VAL A 235 -2.09 1.99 -13.58
N GLN A 236 -1.06 1.69 -12.79
CA GLN A 236 0.19 2.44 -12.87
C GLN A 236 0.89 2.19 -14.21
N TYR A 237 0.80 0.97 -14.72
CA TYR A 237 1.54 0.60 -15.92
C TYR A 237 0.91 1.17 -17.18
N PHE A 238 -0.42 1.05 -17.31
CA PHE A 238 -1.09 1.61 -18.49
C PHE A 238 -0.92 3.13 -18.55
N TYR A 239 -0.99 3.81 -17.40
CA TYR A 239 -0.80 5.25 -17.39
C TYR A 239 0.61 5.62 -17.87
N GLN A 240 1.61 4.84 -17.47
CA GLN A 240 2.98 5.12 -17.86
C GLN A 240 3.20 4.87 -19.34
N GLU A 241 2.84 3.67 -19.81
CA GLU A 241 3.12 3.31 -21.19
C GLU A 241 2.25 4.08 -22.17
N ALA A 242 0.95 4.21 -21.87
CA ALA A 242 0.00 4.91 -22.73
C ALA A 242 0.04 4.36 -24.16
N ALA A 243 0.09 3.04 -24.27
CA ALA A 243 0.20 2.39 -25.57
C ALA A 243 -1.14 2.46 -26.29
N PRO A 244 -1.16 2.87 -27.56
CA PRO A 244 -2.44 2.99 -28.28
C PRO A 244 -3.12 1.64 -28.43
N ALA A 245 -4.45 1.66 -28.26
CA ALA A 245 -5.24 0.43 -28.31
C ALA A 245 -5.53 0.08 -29.78
N GLN A 246 -4.87 -0.97 -30.27
CA GLN A 246 -5.07 -1.38 -31.66
C GLN A 246 -6.48 -1.89 -31.91
N SER A 247 -7.19 -2.32 -30.88
CA SER A 247 -8.56 -2.79 -31.02
C SER A 247 -9.28 -2.56 -29.69
N ASP A 248 -10.54 -2.99 -29.64
CA ASP A 248 -11.33 -2.85 -28.43
C ASP A 248 -11.02 -3.90 -27.38
N VAL A 249 -10.32 -4.98 -27.75
CA VAL A 249 -10.12 -6.12 -26.86
C VAL A 249 -8.69 -6.61 -27.00
N ALA A 250 -7.98 -6.69 -25.89
CA ALA A 250 -6.68 -7.34 -25.83
C ALA A 250 -6.84 -8.73 -25.26
N LEU A 251 -6.27 -9.73 -25.92
CA LEU A 251 -6.34 -11.11 -25.46
C LEU A 251 -5.16 -11.40 -24.55
N LEU A 252 -5.45 -11.78 -23.31
CA LEU A 252 -4.43 -12.12 -22.34
C LEU A 252 -4.48 -13.62 -22.04
N ARG A 253 -3.36 -14.12 -21.52
CA ARG A 253 -3.23 -15.51 -21.11
C ARG A 253 -2.71 -15.57 -19.68
N PHE A 254 -3.30 -16.44 -18.88
CA PHE A 254 -2.90 -16.63 -17.48
C PHE A 254 -1.90 -17.78 -17.43
N VAL A 255 -0.68 -17.49 -16.99
CA VAL A 255 0.43 -18.42 -17.08
C VAL A 255 1.03 -18.60 -15.69
N ASN A 256 1.10 -19.84 -15.23
CA ASN A 256 1.83 -20.16 -14.00
C ASN A 256 3.32 -20.02 -14.28
N PRO A 257 4.05 -19.18 -13.53
CA PRO A 257 5.44 -18.91 -13.89
C PRO A 257 6.40 -20.04 -13.61
N ASP A 258 6.07 -20.97 -12.72
CA ASP A 258 6.98 -22.07 -12.41
C ASP A 258 6.85 -23.21 -13.41
N THR A 259 5.63 -23.52 -13.83
CA THR A 259 5.40 -24.58 -14.81
C THR A 259 5.39 -24.08 -16.24
N GLY A 260 5.17 -22.78 -16.45
CA GLY A 260 4.92 -22.27 -17.79
C GLY A 260 3.59 -22.68 -18.38
N ARG A 261 2.76 -23.39 -17.62
CA ARG A 261 1.48 -23.84 -18.12
C ARG A 261 0.53 -22.67 -18.29
N VAL A 262 -0.21 -22.68 -19.40
CA VAL A 262 -1.30 -21.73 -19.63
C VAL A 262 -2.54 -22.30 -18.97
N LEU A 263 -3.14 -21.52 -18.07
CA LEU A 263 -4.26 -22.01 -17.28
C LEU A 263 -5.62 -21.51 -17.76
N PHE A 264 -5.71 -20.31 -18.34
CA PHE A 264 -6.95 -19.90 -18.98
C PHE A 264 -6.70 -18.70 -19.90
N GLU A 265 -7.77 -18.27 -20.57
CA GLU A 265 -7.79 -17.16 -21.52
C GLU A 265 -8.74 -16.09 -21.01
N CYS A 266 -8.50 -14.84 -21.39
CA CYS A 266 -9.41 -13.77 -21.02
C CYS A 266 -9.25 -12.58 -21.96
N LYS A 267 -10.23 -11.69 -21.91
CA LYS A 267 -10.27 -10.49 -22.75
C LYS A 267 -10.09 -9.26 -21.88
N LEU A 268 -9.07 -8.47 -22.17
CA LEU A 268 -8.91 -7.14 -21.56
C LEU A 268 -9.57 -6.13 -22.48
N HIS A 269 -10.57 -5.41 -21.97
CA HIS A 269 -11.30 -4.43 -22.76
C HIS A 269 -10.63 -3.07 -22.66
N LYS A 270 -10.70 -2.31 -23.76
CA LYS A 270 -10.01 -1.02 -23.84
C LYS A 270 -10.39 -0.11 -22.68
N SER A 271 -11.65 -0.15 -22.26
CA SER A 271 -12.12 0.70 -21.18
C SER A 271 -11.70 0.22 -19.79
N GLY A 272 -10.99 -0.91 -19.69
CA GLY A 272 -10.37 -1.30 -18.44
C GLY A 272 -11.15 -2.27 -17.57
N TYR A 273 -11.51 -3.42 -18.12
CA TYR A 273 -12.08 -4.50 -17.33
C TYR A 273 -11.91 -5.79 -18.11
N VAL A 274 -12.11 -6.92 -17.41
CA VAL A 274 -11.77 -8.23 -17.94
C VAL A 274 -13.00 -9.14 -17.90
N THR A 275 -13.21 -9.88 -18.98
CA THR A 275 -14.24 -10.91 -19.05
C THR A 275 -13.60 -12.26 -19.36
N VAL A 276 -14.22 -13.32 -18.84
CA VAL A 276 -13.78 -14.69 -19.10
C VAL A 276 -14.98 -15.51 -19.54
N ALA A 277 -14.69 -16.65 -20.15
CA ALA A 277 -15.74 -17.59 -20.55
C ALA A 277 -16.08 -18.47 -19.35
N HIS A 278 -16.93 -17.93 -18.48
CA HIS A 278 -17.46 -18.66 -17.34
C HIS A 278 -18.97 -18.46 -17.30
N THR A 279 -19.69 -19.52 -16.97
CA THR A 279 -21.14 -19.58 -17.15
C THR A 279 -21.78 -20.14 -15.89
N GLY A 280 -23.04 -19.79 -15.68
CA GLY A 280 -23.82 -20.38 -14.62
C GLY A 280 -23.99 -19.43 -13.45
N GLN A 281 -24.61 -19.96 -12.40
CA GLN A 281 -24.96 -19.15 -11.25
C GLN A 281 -23.99 -19.32 -10.08
N HIS A 282 -23.09 -20.30 -10.12
CA HIS A 282 -22.10 -20.43 -9.06
C HIS A 282 -20.87 -19.57 -9.35
N ASP A 283 -20.02 -19.44 -8.35
CA ASP A 283 -18.80 -18.66 -8.43
C ASP A 283 -17.60 -19.58 -8.64
N LEU A 284 -16.56 -19.04 -9.28
CA LEU A 284 -15.30 -19.75 -9.47
C LEU A 284 -14.18 -18.90 -8.91
N VAL A 285 -13.43 -19.45 -7.96
CA VAL A 285 -12.30 -18.77 -7.34
C VAL A 285 -11.01 -19.38 -7.87
N ILE A 286 -10.01 -18.54 -8.10
CA ILE A 286 -8.77 -18.95 -8.73
C ILE A 286 -7.59 -18.52 -7.86
N PRO A 287 -6.77 -19.46 -7.37
CA PRO A 287 -5.58 -19.07 -6.59
C PRO A 287 -4.68 -18.12 -7.37
N PRO A 288 -3.83 -17.36 -6.68
CA PRO A 288 -3.13 -16.25 -7.34
C PRO A 288 -1.75 -16.60 -7.87
N ASN A 289 -1.50 -17.85 -8.24
CA ASN A 289 -0.17 -18.26 -8.66
C ASN A 289 -0.03 -18.18 -10.19
N GLY A 290 -0.18 -16.97 -10.71
CA GLY A 290 -0.06 -16.77 -12.14
C GLY A 290 -0.01 -15.30 -12.50
N TYR A 291 0.49 -15.04 -13.70
CA TYR A 291 0.60 -13.69 -14.25
C TYR A 291 -0.08 -13.65 -15.61
N PHE A 292 -0.44 -12.44 -16.03
CA PHE A 292 -1.14 -12.23 -17.29
C PHE A 292 -0.15 -11.84 -18.38
N ARG A 293 -0.39 -12.35 -19.60
CA ARG A 293 0.52 -12.16 -20.72
C ARG A 293 -0.28 -11.74 -21.94
N PHE A 294 0.06 -10.60 -22.51
CA PHE A 294 -0.59 -10.12 -23.73
C PHE A 294 -0.07 -10.89 -24.93
N ASP A 295 -0.99 -11.46 -25.72
CA ASP A 295 -0.60 -12.29 -26.85
C ASP A 295 -0.98 -11.71 -28.20
N SER A 296 -2.13 -11.05 -28.32
CA SER A 296 -2.52 -10.40 -29.58
C SER A 296 -3.76 -9.56 -29.34
N TRP A 297 -3.95 -8.59 -30.21
CA TRP A 297 -5.20 -7.83 -30.26
C TRP A 297 -6.27 -8.63 -30.97
N VAL A 298 -7.48 -8.60 -30.40
CA VAL A 298 -8.63 -9.28 -31.00
C VAL A 298 -9.81 -8.31 -30.93
N ASN A 299 -10.99 -8.79 -31.31
CA ASN A 299 -12.21 -8.01 -31.19
C ASN A 299 -13.14 -8.64 -30.16
N GLN A 300 -14.27 -7.98 -29.90
CA GLN A 300 -15.21 -8.45 -28.89
C GLN A 300 -15.91 -9.74 -29.27
N PHE A 301 -15.77 -10.20 -30.52
CA PHE A 301 -16.43 -11.42 -30.97
C PHE A 301 -15.53 -12.65 -30.86
N TYR A 302 -14.28 -12.48 -30.44
CA TYR A 302 -13.41 -13.62 -30.18
C TYR A 302 -14.06 -14.54 -29.15
N THR A 303 -14.03 -15.84 -29.44
CA THR A 303 -14.66 -16.83 -28.57
C THR A 303 -13.60 -17.43 -27.65
N LEU A 304 -13.77 -17.26 -26.35
CA LEU A 304 -12.80 -17.72 -25.37
C LEU A 304 -13.01 -19.20 -25.05
N ALA A 305 -11.91 -19.87 -24.76
CA ALA A 305 -11.98 -21.22 -24.23
C ALA A 305 -12.52 -21.17 -22.80
N PRO A 306 -13.58 -21.92 -22.49
CA PRO A 306 -14.08 -21.95 -21.11
C PRO A 306 -12.97 -22.37 -20.15
N MET A 307 -12.98 -21.75 -18.97
CA MET A 307 -11.92 -21.95 -18.00
C MET A 307 -12.37 -22.87 -16.87
N THR B 1 19.36 -8.51 -25.70
CA THR B 1 19.47 -7.89 -24.38
C THR B 1 18.44 -6.75 -24.26
N LYS B 2 17.62 -6.83 -23.22
CA LYS B 2 16.54 -5.87 -23.07
C LYS B 2 17.09 -4.51 -22.65
N PRO B 3 16.64 -3.42 -23.26
CA PRO B 3 17.11 -2.09 -22.84
C PRO B 3 16.63 -1.76 -21.44
N PHE B 4 17.50 -1.11 -20.67
CA PHE B 4 17.17 -0.68 -19.32
C PHE B 4 16.27 0.55 -19.37
N SER B 5 15.45 0.71 -18.33
CA SER B 5 14.57 1.86 -18.22
C SER B 5 14.07 1.97 -16.79
N VAL B 6 13.63 3.17 -16.42
CA VAL B 6 13.09 3.43 -15.09
C VAL B 6 11.65 3.94 -15.24
N PRO B 7 10.78 3.66 -14.28
CA PRO B 7 9.40 4.15 -14.40
C PRO B 7 9.35 5.67 -14.52
N VAL B 8 8.31 6.16 -15.17
CA VAL B 8 8.17 7.59 -15.47
C VAL B 8 7.24 8.29 -14.50
N LEU B 9 6.78 7.60 -13.46
CA LEU B 9 5.99 8.26 -12.43
C LEU B 9 6.85 9.27 -11.68
N THR B 10 6.27 10.42 -11.38
CA THR B 10 6.97 11.39 -10.55
C THR B 10 7.11 10.86 -9.13
N VAL B 11 8.07 11.42 -8.39
CA VAL B 11 8.30 11.02 -7.01
C VAL B 11 7.00 11.14 -6.21
N GLU B 12 6.21 12.18 -6.50
CA GLU B 12 4.95 12.39 -5.81
C GLU B 12 4.00 11.21 -5.96
N GLU B 13 4.13 10.44 -7.05
CA GLU B 13 3.20 9.37 -7.36
C GLU B 13 3.69 8.00 -6.91
N MET B 14 4.87 7.91 -6.30
CA MET B 14 5.46 6.64 -5.93
C MET B 14 5.44 6.45 -4.43
N THR B 15 5.69 5.20 -4.01
CA THR B 15 5.53 4.78 -2.63
C THR B 15 6.88 4.51 -1.98
N ASN B 16 6.99 4.83 -0.69
CA ASN B 16 8.19 4.48 0.07
C ASN B 16 8.29 2.98 0.23
N SER B 17 9.50 2.45 0.10
CA SER B 17 9.73 1.02 0.14
C SER B 17 10.13 0.51 1.52
N ARG B 18 10.13 1.38 2.54
CA ARG B 18 10.44 0.96 3.90
C ARG B 18 9.25 1.15 4.84
N PHE B 19 8.12 1.63 4.34
CA PHE B 19 6.88 1.85 5.07
C PHE B 19 5.79 2.14 4.05
N PRO B 20 4.56 1.68 4.25
CA PRO B 20 3.52 1.88 3.22
C PRO B 20 2.94 3.30 3.22
N ILE B 21 3.76 4.26 2.79
CA ILE B 21 3.34 5.66 2.70
C ILE B 21 3.94 6.28 1.47
N PRO B 22 3.28 7.32 0.92
CA PRO B 22 3.79 7.94 -0.31
C PRO B 22 5.12 8.65 -0.09
N LEU B 23 5.91 8.71 -1.15
CA LEU B 23 7.10 9.55 -1.15
C LEU B 23 6.70 11.02 -1.18
N GLU B 24 7.46 11.87 -0.49
CA GLU B 24 7.13 13.27 -0.38
C GLU B 24 8.19 14.21 -0.93
N LYS B 25 9.44 13.77 -1.07
CA LYS B 25 10.51 14.64 -1.52
C LYS B 25 11.76 13.80 -1.74
N LEU B 26 12.79 14.44 -2.29
CA LEU B 26 14.13 13.90 -2.37
C LEU B 26 15.01 14.57 -1.34
N PHE B 27 16.06 13.86 -0.91
CA PHE B 27 16.93 14.36 0.14
C PHE B 27 18.35 13.91 -0.14
N THR B 28 19.29 14.84 -0.03
CA THR B 28 20.70 14.52 -0.14
C THR B 28 21.49 15.34 0.88
N GLY B 29 22.53 14.73 1.43
CA GLY B 29 23.35 15.36 2.43
C GLY B 29 24.42 14.39 2.93
N PRO B 30 25.28 14.83 3.82
CA PRO B 30 26.29 13.92 4.38
C PRO B 30 25.64 12.88 5.27
N SER B 31 26.03 11.61 5.07
CA SER B 31 25.55 10.50 5.88
C SER B 31 26.70 9.62 6.36
N SER B 32 27.93 10.16 6.36
CA SER B 32 29.08 9.40 6.83
C SER B 32 28.98 9.04 8.31
N ALA B 33 28.15 9.77 9.07
CA ALA B 33 27.99 9.48 10.48
C ALA B 33 27.15 8.23 10.72
N PHE B 34 26.32 7.84 9.77
CA PHE B 34 25.46 6.67 9.89
C PHE B 34 26.04 5.51 9.10
N VAL B 35 25.54 4.32 9.41
CA VAL B 35 25.71 3.14 8.59
C VAL B 35 24.40 2.95 7.84
N VAL B 36 24.41 3.21 6.53
CA VAL B 36 23.21 3.16 5.72
C VAL B 36 23.08 1.75 5.17
N GLN B 37 22.30 0.92 5.87
CA GLN B 37 22.13 -0.49 5.50
C GLN B 37 20.68 -0.92 5.70
N PRO B 38 19.72 -0.29 5.02
CA PRO B 38 18.33 -0.76 5.12
C PRO B 38 18.18 -2.09 4.39
N GLN B 39 17.21 -2.89 4.86
CA GLN B 39 16.98 -4.19 4.28
C GLN B 39 15.74 -4.23 3.38
N ASN B 40 14.86 -3.26 3.49
CA ASN B 40 13.72 -3.14 2.59
C ASN B 40 14.02 -2.09 1.52
N GLY B 41 13.39 -2.27 0.36
CA GLY B 41 13.72 -1.44 -0.78
C GLY B 41 15.11 -1.70 -1.32
N ARG B 42 15.53 -2.96 -1.32
CA ARG B 42 16.86 -3.36 -1.79
C ARG B 42 16.70 -4.22 -3.03
N CYS B 43 17.18 -3.73 -4.16
CA CYS B 43 17.02 -4.42 -5.44
C CYS B 43 18.09 -3.92 -6.40
N THR B 44 18.69 -4.84 -7.13
CA THR B 44 19.63 -4.45 -8.17
C THR B 44 18.88 -4.04 -9.43
N THR B 45 19.60 -3.35 -10.32
CA THR B 45 18.95 -2.82 -11.51
C THR B 45 18.49 -3.91 -12.47
N ASP B 46 19.09 -5.09 -12.42
CA ASP B 46 18.60 -6.22 -13.22
C ASP B 46 17.60 -7.08 -12.48
N GLY B 47 17.09 -6.61 -11.33
CA GLY B 47 15.92 -7.20 -10.73
C GLY B 47 16.15 -8.30 -9.72
N VAL B 48 17.28 -8.30 -9.01
CA VAL B 48 17.55 -9.28 -7.97
C VAL B 48 17.20 -8.66 -6.63
N LEU B 49 16.20 -9.22 -5.96
CA LEU B 49 15.79 -8.72 -4.65
C LEU B 49 16.83 -9.07 -3.60
N LEU B 50 17.01 -8.16 -2.64
CA LEU B 50 18.01 -8.30 -1.60
C LEU B 50 17.36 -8.08 -0.23
N GLY B 51 18.11 -8.44 0.81
CA GLY B 51 17.66 -8.21 2.18
C GLY B 51 16.35 -8.90 2.47
N THR B 52 15.39 -8.14 3.00
CA THR B 52 14.04 -8.62 3.27
C THR B 52 13.03 -8.02 2.29
N THR B 53 13.49 -7.57 1.13
CA THR B 53 12.65 -6.82 0.21
C THR B 53 11.72 -7.75 -0.57
N GLN B 54 10.42 -7.45 -0.54
CA GLN B 54 9.43 -8.13 -1.35
C GLN B 54 8.75 -7.11 -2.26
N LEU B 55 7.70 -7.55 -2.96
CA LEU B 55 7.15 -6.79 -4.07
C LEU B 55 5.92 -5.97 -3.71
N SER B 56 5.25 -6.27 -2.61
CA SER B 56 4.02 -5.54 -2.32
C SER B 56 4.33 -4.21 -1.64
N PRO B 57 3.63 -3.13 -2.03
CA PRO B 57 3.83 -1.85 -1.34
C PRO B 57 3.06 -1.76 -0.03
N VAL B 58 2.09 -2.63 0.21
CA VAL B 58 1.31 -2.59 1.43
C VAL B 58 1.74 -3.64 2.46
N ASN B 59 2.55 -4.62 2.05
CA ASN B 59 3.07 -5.63 2.98
C ASN B 59 4.44 -5.25 3.52
N ILE B 60 4.64 -3.98 3.84
CA ILE B 60 5.87 -3.52 4.47
C ILE B 60 5.53 -3.16 5.91
N CYS B 61 6.26 -3.76 6.85
CA CYS B 61 6.01 -3.63 8.29
C CYS B 61 4.67 -4.23 8.70
N THR B 62 4.19 -5.21 7.93
CA THR B 62 3.02 -6.00 8.30
C THR B 62 3.47 -7.36 8.83
N PHE B 63 2.62 -7.97 9.67
CA PHE B 63 2.87 -9.30 10.18
C PHE B 63 1.60 -10.13 10.05
N ARG B 64 1.79 -11.43 9.81
CA ARG B 64 0.68 -12.36 9.67
C ARG B 64 0.99 -13.66 10.37
N GLY B 65 -0.03 -14.28 10.94
CA GLY B 65 0.13 -15.55 11.62
C GLY B 65 -0.98 -15.77 12.64
N ASP B 66 -0.65 -16.50 13.69
CA ASP B 66 -1.54 -16.72 14.81
C ASP B 66 -0.88 -16.21 16.09
N VAL B 67 -1.67 -15.98 17.12
CA VAL B 67 -1.19 -15.35 18.33
C VAL B 67 -1.45 -16.24 19.54
N THR B 68 -0.55 -16.15 20.52
CA THR B 68 -0.70 -16.80 21.81
C THR B 68 -0.62 -15.73 22.89
N HIS B 69 -1.60 -15.72 23.78
CA HIS B 69 -1.66 -14.69 24.81
C HIS B 69 -0.61 -14.96 25.88
N ILE B 70 0.16 -13.92 26.21
CA ILE B 70 1.11 -13.99 27.32
C ILE B 70 0.33 -13.69 28.60
N THR B 71 0.15 -14.72 29.44
CA THR B 71 -0.70 -14.59 30.60
C THR B 71 -0.21 -13.52 31.56
N GLY B 72 -1.15 -12.82 32.19
CA GLY B 72 -0.81 -11.77 33.13
C GLY B 72 -0.44 -10.45 32.50
N SER B 73 -0.84 -10.21 31.25
CA SER B 73 -0.48 -9.00 30.55
C SER B 73 -1.45 -8.78 29.39
N ARG B 74 -1.32 -7.61 28.76
CA ARG B 74 -2.05 -7.30 27.54
C ARG B 74 -1.21 -7.56 26.29
N ASN B 75 -0.21 -8.44 26.39
CA ASN B 75 0.73 -8.70 25.31
C ASN B 75 0.43 -10.02 24.64
N TYR B 76 0.82 -10.14 23.38
CA TYR B 76 0.62 -11.34 22.59
C TYR B 76 1.87 -11.66 21.80
N THR B 77 2.18 -12.95 21.70
CA THR B 77 3.24 -13.45 20.82
C THR B 77 2.62 -13.95 19.52
N MET B 78 3.08 -13.42 18.40
CA MET B 78 2.60 -13.84 17.09
C MET B 78 3.60 -14.82 16.49
N ASN B 79 3.17 -16.07 16.35
CA ASN B 79 3.92 -17.05 15.58
C ASN B 79 3.71 -16.75 14.10
N LEU B 80 4.79 -16.44 13.40
CA LEU B 80 4.69 -15.79 12.11
C LEU B 80 4.47 -16.80 10.97
N ALA B 81 3.68 -16.37 10.00
CA ALA B 81 3.65 -16.94 8.67
C ALA B 81 4.24 -15.91 7.71
N SER B 82 4.56 -16.36 6.49
CA SER B 82 5.01 -15.41 5.49
C SER B 82 3.86 -14.51 5.07
N GLN B 83 4.19 -13.46 4.30
CA GLN B 83 3.17 -12.48 3.92
C GLN B 83 2.08 -13.10 3.06
N ASN B 84 2.39 -14.18 2.34
CA ASN B 84 1.40 -14.91 1.55
C ASN B 84 0.83 -16.10 2.31
N TRP B 85 0.94 -16.10 3.64
CA TRP B 85 0.34 -17.09 4.54
C TRP B 85 0.95 -18.48 4.38
N ASN B 86 2.15 -18.60 3.83
CA ASN B 86 2.85 -19.86 3.85
C ASN B 86 3.57 -20.06 5.18
N ASP B 87 3.92 -21.31 5.46
CA ASP B 87 4.80 -21.58 6.58
C ASP B 87 6.10 -20.80 6.41
N TYR B 88 6.50 -20.07 7.45
CA TYR B 88 7.76 -19.36 7.41
C TYR B 88 8.91 -20.35 7.53
N ASP B 89 9.87 -20.26 6.60
CA ASP B 89 11.04 -21.13 6.63
C ASP B 89 12.21 -20.32 7.19
N PRO B 90 12.56 -20.49 8.47
CA PRO B 90 13.68 -19.72 9.04
C PRO B 90 15.05 -20.09 8.46
N THR B 91 15.14 -21.16 7.68
CA THR B 91 16.40 -21.56 7.08
C THR B 91 16.64 -20.92 5.71
N GLU B 92 15.73 -20.08 5.25
CA GLU B 92 15.98 -19.31 4.04
C GLU B 92 17.13 -18.34 4.26
N GLU B 93 17.91 -18.11 3.20
CA GLU B 93 19.09 -17.25 3.28
C GLU B 93 18.69 -15.77 3.26
N ILE B 94 17.86 -15.40 4.22
CA ILE B 94 17.38 -14.04 4.37
C ILE B 94 17.58 -13.62 5.82
N PRO B 95 17.61 -12.31 6.11
CA PRO B 95 17.80 -11.88 7.50
C PRO B 95 16.56 -12.09 8.36
N ALA B 96 15.38 -12.07 7.77
CA ALA B 96 14.12 -12.14 8.48
C ALA B 96 13.01 -12.35 7.45
N PRO B 97 11.78 -12.68 7.86
CA PRO B 97 10.68 -12.77 6.89
C PRO B 97 10.58 -11.51 6.05
N LEU B 98 10.32 -11.71 4.75
CA LEU B 98 10.28 -10.59 3.81
C LEU B 98 9.23 -9.57 4.25
N GLY B 99 9.64 -8.30 4.26
CA GLY B 99 8.77 -7.23 4.71
C GLY B 99 8.96 -6.84 6.16
N THR B 100 9.84 -7.50 6.89
CA THR B 100 10.08 -7.17 8.28
C THR B 100 10.58 -5.73 8.40
N PRO B 101 10.17 -4.98 9.42
CA PRO B 101 10.76 -3.66 9.65
C PRO B 101 12.27 -3.73 9.77
N ASP B 102 12.96 -2.76 9.16
CA ASP B 102 14.41 -2.70 9.15
C ASP B 102 14.95 -1.54 9.98
N PHE B 103 14.24 -1.15 11.03
CA PHE B 103 14.70 -0.08 11.89
C PHE B 103 14.18 -0.30 13.31
N VAL B 104 14.96 0.15 14.29
CA VAL B 104 14.56 0.08 15.69
C VAL B 104 13.59 1.23 15.96
N GLY B 105 12.47 0.90 16.59
CA GLY B 105 11.48 1.92 16.92
C GLY B 105 10.20 1.28 17.38
N LYS B 106 9.28 2.13 17.82
CA LYS B 106 7.96 1.70 18.28
C LYS B 106 6.95 1.98 17.17
N ILE B 107 6.46 0.92 16.54
CA ILE B 107 5.54 1.01 15.42
C ILE B 107 4.13 0.73 15.92
N GLN B 108 3.22 1.69 15.71
CA GLN B 108 1.85 1.57 16.17
C GLN B 108 0.93 1.18 15.00
N GLY B 109 -0.07 0.37 15.30
CA GLY B 109 -1.03 -0.05 14.30
C GLY B 109 -2.23 -0.76 14.90
N VAL B 110 -2.78 -1.72 14.18
CA VAL B 110 -3.96 -2.47 14.62
C VAL B 110 -3.73 -3.94 14.36
N LEU B 111 -4.10 -4.78 15.33
CA LEU B 111 -4.15 -6.23 15.16
C LEU B 111 -5.60 -6.61 14.85
N THR B 112 -5.83 -7.13 13.65
CA THR B 112 -7.13 -7.66 13.28
C THR B 112 -7.05 -9.18 13.17
N GLN B 113 -8.21 -9.83 13.36
CA GLN B 113 -8.28 -11.27 13.39
C GLN B 113 -9.65 -11.73 12.93
N THR B 114 -9.70 -12.81 12.17
CA THR B 114 -10.94 -13.40 11.68
C THR B 114 -11.02 -14.85 12.15
N THR B 115 -12.13 -15.20 12.78
CA THR B 115 -12.40 -16.59 13.13
C THR B 115 -13.00 -17.30 11.92
N ARG B 116 -12.37 -18.40 11.50
CA ARG B 116 -12.72 -19.04 10.24
C ARG B 116 -14.02 -19.85 10.30
N THR B 117 -14.60 -20.04 11.49
CA THR B 117 -15.85 -20.80 11.57
C THR B 117 -17.04 -19.92 11.20
N ASP B 118 -17.22 -18.81 11.90
CA ASP B 118 -18.39 -17.96 11.72
C ASP B 118 -18.08 -16.63 11.05
N GLY B 119 -16.80 -16.34 10.77
CA GLY B 119 -16.46 -15.06 10.20
C GLY B 119 -16.54 -13.89 11.15
N SER B 120 -16.51 -14.13 12.45
CA SER B 120 -16.46 -13.05 13.41
C SER B 120 -15.08 -12.40 13.40
N THR B 121 -15.05 -11.09 13.60
CA THR B 121 -13.83 -10.31 13.47
C THR B 121 -13.61 -9.47 14.72
N ARG B 122 -12.37 -8.98 14.86
CA ARG B 122 -12.00 -8.15 16.00
C ARG B 122 -10.72 -7.40 15.66
N GLY B 123 -10.59 -6.20 16.22
CA GLY B 123 -9.41 -5.37 16.02
C GLY B 123 -9.05 -4.58 17.25
N HIS B 124 -7.76 -4.46 17.54
CA HIS B 124 -7.30 -3.79 18.75
C HIS B 124 -6.05 -2.98 18.48
N LYS B 125 -5.93 -1.85 19.19
CA LYS B 125 -4.70 -1.07 19.16
C LYS B 125 -3.52 -1.94 19.55
N ALA B 126 -2.41 -1.77 18.84
CA ALA B 126 -1.24 -2.61 19.08
C ALA B 126 0.03 -1.85 18.73
N THR B 127 1.08 -2.09 19.51
CA THR B 127 2.40 -1.53 19.26
C THR B 127 3.42 -2.66 19.26
N VAL B 128 4.35 -2.62 18.31
CA VAL B 128 5.48 -3.52 18.28
C VAL B 128 6.75 -2.69 18.45
N TYR B 129 7.57 -3.07 19.41
CA TYR B 129 8.86 -2.42 19.65
C TYR B 129 9.93 -3.29 19.01
N THR B 130 10.43 -2.86 17.84
CA THR B 130 11.40 -3.65 17.10
C THR B 130 12.76 -3.72 17.77
N GLY B 131 12.98 -3.00 18.87
CA GLY B 131 14.15 -3.15 19.69
C GLY B 131 13.97 -4.05 20.89
N SER B 132 12.78 -4.61 21.08
CA SER B 132 12.50 -5.42 22.25
C SER B 132 13.24 -6.75 22.19
N ALA B 133 13.52 -7.30 23.37
CA ALA B 133 14.26 -8.56 23.45
C ALA B 133 13.49 -9.71 22.80
N ASP B 134 12.16 -9.64 22.80
CA ASP B 134 11.33 -10.67 22.18
C ASP B 134 10.90 -10.29 20.76
N PHE B 135 11.62 -9.36 20.12
CA PHE B 135 11.47 -9.12 18.69
C PHE B 135 12.46 -10.04 17.98
N ALA B 136 12.00 -11.24 17.63
CA ALA B 136 12.83 -12.24 16.97
C ALA B 136 12.16 -12.73 15.70
N PRO B 137 11.94 -11.85 14.71
CA PRO B 137 11.24 -12.28 13.50
C PRO B 137 11.93 -13.41 12.75
N LYS B 138 13.27 -13.44 12.75
CA LYS B 138 13.98 -14.49 12.02
C LYS B 138 13.71 -15.86 12.63
N LEU B 139 13.51 -15.93 13.94
CA LEU B 139 13.09 -17.17 14.58
C LEU B 139 11.61 -17.45 14.43
N GLY B 140 10.86 -16.54 13.82
CA GLY B 140 9.44 -16.74 13.60
C GLY B 140 8.53 -16.21 14.69
N ARG B 141 9.04 -15.35 15.57
CA ARG B 141 8.28 -14.91 16.74
C ARG B 141 8.43 -13.40 16.91
N VAL B 142 7.29 -12.72 17.10
CA VAL B 142 7.26 -11.28 17.39
C VAL B 142 6.23 -11.05 18.46
N GLN B 143 6.49 -10.06 19.32
CA GLN B 143 5.61 -9.72 20.43
C GLN B 143 4.94 -8.37 20.20
N PHE B 144 3.64 -8.31 20.51
CA PHE B 144 2.86 -7.09 20.41
C PHE B 144 2.29 -6.72 21.78
N GLU B 145 2.24 -5.42 22.06
CA GLU B 145 1.52 -4.89 23.22
C GLU B 145 0.19 -4.34 22.71
N THR B 146 -0.91 -4.87 23.23
CA THR B 146 -2.24 -4.49 22.79
C THR B 146 -2.99 -3.77 23.92
N ASP B 147 -4.30 -3.63 23.74
CA ASP B 147 -5.18 -3.03 24.75
C ASP B 147 -6.19 -4.04 25.28
N THR B 148 -5.85 -5.32 25.22
CA THR B 148 -6.75 -6.38 25.65
C THR B 148 -5.93 -7.54 26.21
N ASP B 149 -6.59 -8.33 27.06
CA ASP B 149 -5.99 -9.53 27.63
C ASP B 149 -6.87 -10.76 27.45
N ARG B 150 -7.81 -10.72 26.50
CA ARG B 150 -8.78 -11.80 26.39
C ARG B 150 -9.38 -11.92 24.98
N ASP B 151 -9.51 -10.80 24.28
CA ASP B 151 -10.25 -10.79 23.01
C ASP B 151 -9.33 -11.07 21.81
N PHE B 152 -8.72 -12.24 21.85
CA PHE B 152 -7.97 -12.76 20.71
C PHE B 152 -7.92 -14.28 20.83
N GLU B 153 -8.41 -14.97 19.81
CA GLU B 153 -8.44 -16.43 19.84
C GLU B 153 -7.15 -17.01 19.29
N ALA B 154 -6.80 -18.20 19.77
CA ALA B 154 -5.64 -18.91 19.28
C ALA B 154 -5.98 -19.66 18.00
N ASN B 155 -4.97 -19.84 17.15
CA ASN B 155 -5.11 -20.59 15.90
C ASN B 155 -6.13 -19.94 14.96
N GLN B 156 -6.09 -18.61 14.87
CA GLN B 156 -6.92 -17.86 13.95
C GLN B 156 -6.07 -16.84 13.20
N ASN B 157 -6.36 -16.66 11.92
CA ASN B 157 -5.64 -15.68 11.05
C ASN B 157 -5.61 -14.30 11.69
N THR B 158 -4.41 -13.80 11.98
CA THR B 158 -4.22 -12.51 12.62
C THR B 158 -3.24 -11.67 11.82
N LYS B 159 -3.54 -10.39 11.67
CA LYS B 159 -2.74 -9.48 10.87
C LYS B 159 -2.44 -8.21 11.66
N PHE B 160 -1.23 -7.68 11.49
CA PHE B 160 -0.85 -6.37 12.02
C PHE B 160 -0.72 -5.40 10.86
N THR B 161 -1.51 -4.33 10.90
CA THR B 161 -1.42 -3.28 9.90
C THR B 161 -0.70 -2.08 10.49
N PRO B 162 0.44 -1.68 9.96
CA PRO B 162 1.14 -0.51 10.51
C PRO B 162 0.43 0.78 10.16
N VAL B 163 0.51 1.75 11.06
CA VAL B 163 -0.03 3.09 10.85
C VAL B 163 1.05 4.15 10.97
N GLY B 164 1.77 4.16 12.09
CA GLY B 164 2.82 5.12 12.28
C GLY B 164 3.74 4.72 13.41
N VAL B 165 4.56 5.68 13.82
CA VAL B 165 5.52 5.49 14.91
C VAL B 165 5.07 6.32 16.10
N ILE B 166 5.38 5.82 17.29
CA ILE B 166 5.12 6.57 18.51
C ILE B 166 6.44 6.88 19.20
N GLN B 167 6.36 7.43 20.40
CA GLN B 167 7.53 7.98 21.06
C GLN B 167 7.19 8.27 22.52
N ASP B 168 7.76 7.48 23.45
CA ASP B 168 7.55 7.72 24.87
C ASP B 168 8.75 7.30 25.70
N GLY B 169 9.94 7.27 25.10
CA GLY B 169 11.14 6.89 25.81
C GLY B 169 11.90 8.08 26.37
N GLY B 170 12.32 8.97 25.48
CA GLY B 170 12.97 10.23 25.92
C GLY B 170 12.02 11.39 25.76
N THR B 171 10.72 11.14 25.73
CA THR B 171 9.67 12.19 25.52
C THR B 171 10.08 13.19 24.43
N THR B 172 9.90 14.56 24.53
CA THR B 172 10.15 15.55 23.38
C THR B 172 11.34 15.14 22.51
N HIS B 173 12.34 14.47 23.06
CA HIS B 173 13.49 13.97 22.28
C HIS B 173 13.07 13.47 20.91
N ARG B 174 13.82 13.79 19.86
CA ARG B 174 13.58 13.20 18.55
C ARG B 174 14.47 11.99 18.34
N ASN B 175 14.81 11.31 19.43
CA ASN B 175 15.80 10.25 19.44
C ASN B 175 15.23 8.90 19.02
N GLU B 176 13.95 8.82 18.66
CA GLU B 176 13.36 7.55 18.25
C GLU B 176 12.14 7.85 17.39
N PRO B 177 11.85 7.00 16.38
CA PRO B 177 12.63 5.81 16.02
C PRO B 177 13.98 6.16 15.39
N GLN B 178 14.82 5.15 15.20
CA GLN B 178 16.17 5.32 14.68
C GLN B 178 16.26 4.55 13.37
N GLN B 179 16.10 5.28 12.25
CA GLN B 179 15.86 4.64 10.96
C GLN B 179 17.09 3.94 10.40
N TRP B 180 18.28 4.23 10.91
CA TRP B 180 19.49 3.60 10.40
C TRP B 180 20.08 2.60 11.40
N VAL B 181 19.27 2.09 12.32
CA VAL B 181 19.69 1.07 13.28
C VAL B 181 18.88 -0.18 13.02
N LEU B 182 19.55 -1.25 12.59
CA LEU B 182 18.85 -2.48 12.29
C LEU B 182 18.44 -3.18 13.58
N PRO B 183 17.27 -3.81 13.60
CA PRO B 183 16.92 -4.65 14.76
C PRO B 183 17.82 -5.87 14.82
N SER B 184 17.82 -6.50 15.99
CA SER B 184 18.41 -7.83 16.15
C SER B 184 17.36 -8.84 15.71
N TYR B 185 17.44 -9.28 14.46
CA TYR B 185 16.35 -10.06 13.87
C TYR B 185 16.10 -11.37 14.61
N SER B 186 17.12 -11.94 15.24
CA SER B 186 16.95 -13.18 15.99
C SER B 186 16.77 -12.92 17.48
N GLY B 187 16.55 -11.68 17.88
CA GLY B 187 16.27 -11.36 19.27
C GLY B 187 17.47 -10.77 19.98
N ARG B 188 17.26 -10.52 21.28
CA ARG B 188 18.28 -9.94 22.14
C ARG B 188 19.59 -10.70 22.04
N ASN B 189 20.68 -9.96 21.81
CA ASN B 189 22.05 -10.48 21.85
C ASN B 189 22.28 -11.55 20.79
N THR B 190 21.76 -11.31 19.59
CA THR B 190 22.02 -12.16 18.43
C THR B 190 22.57 -11.31 17.30
N HIS B 191 23.13 -11.97 16.29
CA HIS B 191 23.77 -11.31 15.17
C HIS B 191 23.01 -11.59 13.88
N ASN B 192 22.86 -10.54 13.06
CA ASN B 192 22.09 -10.64 11.83
C ASN B 192 22.88 -11.39 10.76
N VAL B 193 22.14 -11.98 9.82
CA VAL B 193 22.74 -12.79 8.75
C VAL B 193 22.12 -12.40 7.41
N HIS B 194 22.91 -12.57 6.36
CA HIS B 194 22.46 -12.39 4.97
C HIS B 194 21.94 -10.98 4.72
N LEU B 195 22.59 -9.98 5.33
CA LEU B 195 22.19 -8.60 5.12
C LEU B 195 22.54 -8.14 3.71
N ALA B 196 21.66 -7.32 3.13
CA ALA B 196 22.07 -6.52 2.00
C ALA B 196 23.17 -5.56 2.45
N PRO B 197 24.19 -5.33 1.63
CA PRO B 197 25.34 -4.56 2.10
C PRO B 197 24.99 -3.11 2.39
N ALA B 198 25.80 -2.48 3.22
CA ALA B 198 25.69 -1.05 3.43
C ALA B 198 26.19 -0.31 2.21
N VAL B 199 25.70 0.92 2.04
CA VAL B 199 26.01 1.71 0.86
C VAL B 199 26.61 3.04 1.31
N ALA B 200 27.43 3.62 0.42
CA ALA B 200 28.10 4.88 0.68
C ALA B 200 28.60 5.43 -0.65
N PRO B 201 28.78 6.75 -0.74
CA PRO B 201 29.36 7.31 -1.96
C PRO B 201 30.81 6.89 -2.13
N THR B 202 31.17 6.54 -3.36
CA THR B 202 32.53 6.14 -3.71
C THR B 202 33.29 7.26 -4.42
N PHE B 203 32.66 7.89 -5.41
CA PHE B 203 33.34 8.92 -6.18
C PHE B 203 33.55 10.17 -5.33
N PRO B 204 34.69 10.83 -5.46
CA PRO B 204 34.88 12.10 -4.76
C PRO B 204 33.88 13.15 -5.22
N GLY B 205 33.35 13.89 -4.26
CA GLY B 205 32.38 14.93 -4.58
C GLY B 205 30.96 14.45 -4.72
N GLU B 206 30.59 13.34 -4.07
CA GLU B 206 29.26 12.76 -4.25
C GLU B 206 28.68 12.36 -2.91
N GLN B 207 27.35 12.37 -2.84
CA GLN B 207 26.61 11.97 -1.66
C GLN B 207 25.43 11.11 -2.09
N LEU B 208 24.86 10.40 -1.11
CA LEU B 208 23.69 9.56 -1.39
C LEU B 208 22.46 10.42 -1.64
N LEU B 209 21.63 9.98 -2.58
CA LEU B 209 20.32 10.58 -2.81
C LEU B 209 19.26 9.68 -2.20
N PHE B 210 18.39 10.27 -1.39
CA PHE B 210 17.37 9.53 -0.66
C PHE B 210 15.98 9.92 -1.14
N PHE B 211 15.08 8.94 -1.12
CA PHE B 211 13.66 9.15 -1.40
C PHE B 211 12.95 9.18 -0.05
N ARG B 212 12.46 10.36 0.32
CA ARG B 212 12.07 10.65 1.69
C ARG B 212 10.55 10.74 1.85
N SER B 213 10.06 10.15 2.94
CA SER B 213 8.69 10.32 3.39
C SER B 213 8.71 10.73 4.86
N THR B 214 7.54 11.14 5.36
CA THR B 214 7.36 11.48 6.76
C THR B 214 6.37 10.51 7.36
N MET B 215 6.84 9.66 8.27
CA MET B 215 5.97 8.67 8.89
C MET B 215 4.94 9.37 9.77
N PRO B 216 3.69 8.93 9.76
CA PRO B 216 2.71 9.48 10.69
C PRO B 216 3.13 9.22 12.14
N GLY B 217 2.92 10.22 12.98
CA GLY B 217 3.18 10.12 14.40
C GLY B 217 1.88 9.86 15.15
N CYS B 218 1.93 8.92 16.09
CA CYS B 218 0.75 8.54 16.85
C CYS B 218 0.82 8.94 18.33
N SER B 219 1.99 9.37 18.82
CA SER B 219 2.14 9.75 20.21
C SER B 219 3.51 10.39 20.41
N GLY B 220 3.57 11.41 21.28
CA GLY B 220 4.85 11.98 21.66
C GLY B 220 5.46 12.82 20.55
N TYR B 221 6.78 12.78 20.45
CA TYR B 221 7.56 13.60 19.52
C TYR B 221 8.54 12.72 18.77
N PRO B 222 8.05 11.89 17.85
CA PRO B 222 8.93 10.95 17.15
C PRO B 222 9.71 11.62 16.02
N ASN B 223 10.80 10.98 15.65
CA ASN B 223 11.58 11.36 14.46
C ASN B 223 10.98 10.60 13.29
N MET B 224 10.18 11.30 12.48
CA MET B 224 9.36 10.66 11.46
C MET B 224 10.00 10.64 10.08
N ASP B 225 11.25 11.09 9.96
CA ASP B 225 11.92 11.05 8.67
C ASP B 225 12.23 9.61 8.29
N LEU B 226 11.85 9.22 7.07
CA LEU B 226 12.11 7.88 6.56
C LEU B 226 12.65 7.98 5.15
N ASP B 227 13.92 7.61 4.98
CA ASP B 227 14.60 7.63 3.69
C ASP B 227 14.78 6.21 3.19
N CYS B 228 14.42 5.98 1.94
CA CYS B 228 14.64 4.70 1.27
C CYS B 228 15.57 4.92 0.08
N LEU B 229 16.21 3.82 -0.35
CA LEU B 229 17.16 3.89 -1.45
C LEU B 229 16.49 3.82 -2.81
N LEU B 230 15.30 3.22 -2.90
CA LEU B 230 14.60 3.06 -4.16
C LEU B 230 13.11 3.17 -3.89
N PRO B 231 12.35 3.80 -4.78
CA PRO B 231 10.89 3.71 -4.70
C PRO B 231 10.47 2.25 -4.84
N GLN B 232 9.42 1.87 -4.10
CA GLN B 232 8.91 0.51 -4.22
C GLN B 232 8.44 0.21 -5.64
N GLU B 233 8.07 1.25 -6.41
CA GLU B 233 7.72 1.04 -7.81
C GLU B 233 8.93 0.72 -8.66
N TRP B 234 10.11 1.21 -8.28
CA TRP B 234 11.33 0.84 -9.00
C TRP B 234 11.71 -0.61 -8.72
N VAL B 235 11.58 -1.05 -7.46
CA VAL B 235 11.81 -2.45 -7.12
C VAL B 235 10.90 -3.34 -7.96
N GLN B 236 9.61 -2.98 -8.04
CA GLN B 236 8.68 -3.74 -8.86
C GLN B 236 9.10 -3.76 -10.32
N TYR B 237 9.49 -2.59 -10.85
CA TYR B 237 9.83 -2.50 -12.26
C TYR B 237 11.09 -3.29 -12.59
N PHE B 238 12.13 -3.15 -11.78
CA PHE B 238 13.38 -3.86 -12.04
C PHE B 238 13.18 -5.37 -11.96
N TYR B 239 12.32 -5.82 -11.03
CA TYR B 239 12.07 -7.25 -10.88
C TYR B 239 11.37 -7.82 -12.11
N GLN B 240 10.48 -7.04 -12.73
CA GLN B 240 9.78 -7.50 -13.93
C GLN B 240 10.66 -7.41 -15.16
N GLU B 241 11.29 -6.24 -15.37
CA GLU B 241 12.08 -6.02 -16.58
C GLU B 241 13.29 -6.94 -16.61
N ALA B 242 14.03 -7.02 -15.51
CA ALA B 242 15.24 -7.84 -15.41
C ALA B 242 16.19 -7.55 -16.56
N ALA B 243 16.41 -6.27 -16.82
CA ALA B 243 17.25 -5.89 -17.94
C ALA B 243 18.73 -5.97 -17.54
N PRO B 244 19.58 -6.55 -18.40
CA PRO B 244 21.00 -6.64 -18.06
C PRO B 244 21.64 -5.26 -17.93
N ALA B 245 22.54 -5.13 -16.96
CA ALA B 245 23.26 -3.88 -16.73
C ALA B 245 24.49 -3.88 -17.62
N GLN B 246 24.51 -2.98 -18.61
CA GLN B 246 25.66 -2.82 -19.49
C GLN B 246 26.81 -2.10 -18.82
N SER B 247 26.63 -1.65 -17.59
CA SER B 247 27.61 -0.83 -16.88
C SER B 247 27.20 -0.82 -15.41
N ASP B 248 28.15 -0.45 -14.55
CA ASP B 248 27.85 -0.41 -13.13
C ASP B 248 27.04 0.82 -12.72
N VAL B 249 26.84 1.77 -13.63
CA VAL B 249 26.24 3.05 -13.29
C VAL B 249 25.34 3.50 -14.44
N ALA B 250 24.04 3.63 -14.17
CA ALA B 250 23.10 4.21 -15.12
C ALA B 250 22.99 5.71 -14.85
N LEU B 251 23.08 6.50 -15.90
CA LEU B 251 22.97 7.95 -15.79
C LEU B 251 21.51 8.34 -15.94
N LEU B 252 20.92 8.88 -14.88
CA LEU B 252 19.55 9.36 -14.87
C LEU B 252 19.54 10.88 -14.84
N ARG B 253 18.39 11.44 -15.24
CA ARG B 253 18.17 12.88 -15.21
C ARG B 253 16.80 13.16 -14.61
N PHE B 254 16.76 14.07 -13.65
CA PHE B 254 15.52 14.43 -12.97
C PHE B 254 14.82 15.53 -13.76
N VAL B 255 13.62 15.24 -14.25
CA VAL B 255 12.93 16.09 -15.21
C VAL B 255 11.56 16.47 -14.66
N ASN B 256 11.23 17.75 -14.72
CA ASN B 256 9.88 18.21 -14.37
C ASN B 256 8.96 18.06 -15.58
N PRO B 257 7.92 17.22 -15.51
CA PRO B 257 7.12 16.95 -16.72
C PRO B 257 6.38 18.16 -17.26
N ASP B 258 5.87 19.04 -16.38
CA ASP B 258 5.10 20.19 -16.85
C ASP B 258 5.91 21.11 -17.75
N THR B 259 7.22 21.06 -17.66
CA THR B 259 8.10 21.94 -18.40
C THR B 259 9.11 21.20 -19.28
N GLY B 260 9.48 19.98 -18.93
CA GLY B 260 10.55 19.28 -19.59
C GLY B 260 11.95 19.66 -19.13
N ARG B 261 12.06 20.54 -18.14
CA ARG B 261 13.38 20.97 -17.67
C ARG B 261 14.06 19.88 -16.87
N VAL B 262 15.37 19.74 -17.10
CA VAL B 262 16.20 18.89 -16.27
C VAL B 262 16.62 19.69 -15.05
N LEU B 263 16.30 19.18 -13.86
CA LEU B 263 16.64 19.87 -12.63
C LEU B 263 18.00 19.45 -12.07
N PHE B 264 18.41 18.21 -12.27
CA PHE B 264 19.76 17.77 -11.90
C PHE B 264 20.04 16.43 -12.55
N GLU B 265 21.25 15.92 -12.28
CA GLU B 265 21.76 14.68 -12.81
C GLU B 265 22.09 13.74 -11.65
N CYS B 266 22.10 12.44 -11.91
CA CYS B 266 22.41 11.49 -10.86
C CYS B 266 22.82 10.15 -11.45
N LYS B 267 23.53 9.37 -10.63
CA LYS B 267 24.00 8.04 -10.99
C LYS B 267 23.16 7.00 -10.26
N LEU B 268 22.56 6.08 -11.00
CA LEU B 268 21.92 4.91 -10.43
C LEU B 268 22.89 3.74 -10.51
N HIS B 269 23.28 3.21 -9.36
CA HIS B 269 24.28 2.16 -9.30
C HIS B 269 23.63 0.79 -9.42
N LYS B 270 24.34 -0.13 -10.09
CA LYS B 270 23.89 -1.48 -10.36
C LYS B 270 23.30 -2.16 -9.13
N SER B 271 23.90 -1.95 -7.97
CA SER B 271 23.49 -2.61 -6.75
C SER B 271 22.21 -2.03 -6.14
N GLY B 272 21.72 -0.91 -6.63
CA GLY B 272 20.43 -0.40 -6.21
C GLY B 272 20.45 0.76 -5.25
N TYR B 273 21.19 1.82 -5.59
CA TYR B 273 21.15 3.07 -4.85
C TYR B 273 21.59 4.19 -5.78
N VAL B 274 21.37 5.42 -5.33
CA VAL B 274 21.56 6.61 -6.17
C VAL B 274 22.50 7.56 -5.47
N THR B 275 23.38 8.22 -6.24
CA THR B 275 24.25 9.26 -5.74
C THR B 275 24.19 10.47 -6.65
N VAL B 276 24.46 11.64 -6.07
CA VAL B 276 24.46 12.91 -6.78
C VAL B 276 25.75 13.64 -6.47
N ALA B 277 26.04 14.68 -7.27
CA ALA B 277 27.20 15.53 -7.04
C ALA B 277 26.79 16.67 -6.10
N HIS B 278 27.05 16.48 -4.82
CA HIS B 278 26.68 17.43 -3.77
C HIS B 278 27.56 17.13 -2.57
N THR B 279 28.14 18.18 -1.95
CA THR B 279 29.20 17.91 -0.97
C THR B 279 29.33 18.98 0.11
N GLY B 280 28.24 19.67 0.44
CA GLY B 280 28.22 20.47 1.64
C GLY B 280 28.01 19.61 2.88
N GLN B 281 28.12 20.24 4.03
CA GLN B 281 27.62 19.64 5.26
C GLN B 281 26.15 19.95 5.49
N HIS B 282 25.54 20.70 4.58
CA HIS B 282 24.14 21.09 4.66
C HIS B 282 23.27 20.15 3.85
N ASP B 283 22.04 19.96 4.32
CA ASP B 283 21.09 19.12 3.62
C ASP B 283 20.42 19.89 2.48
N LEU B 284 19.91 19.14 1.51
CA LEU B 284 19.15 19.70 0.40
C LEU B 284 17.91 18.86 0.19
N VAL B 285 16.74 19.50 0.24
CA VAL B 285 15.46 18.84 0.06
C VAL B 285 14.85 19.32 -1.25
N ILE B 286 14.32 18.39 -2.04
CA ILE B 286 13.80 18.66 -3.37
C ILE B 286 12.33 18.30 -3.41
N PRO B 287 11.43 19.22 -3.76
CA PRO B 287 10.03 18.87 -3.92
C PRO B 287 9.87 17.77 -4.96
N PRO B 288 8.79 16.98 -4.87
CA PRO B 288 8.71 15.76 -5.67
C PRO B 288 8.03 15.94 -7.02
N ASN B 289 8.10 17.13 -7.60
CA ASN B 289 7.42 17.40 -8.86
C ASN B 289 8.32 17.08 -10.05
N GLY B 290 8.78 15.83 -10.10
CA GLY B 290 9.63 15.40 -11.18
C GLY B 290 9.77 13.90 -11.20
N TYR B 291 10.14 13.39 -12.37
CA TYR B 291 10.40 11.97 -12.60
C TYR B 291 11.83 11.78 -13.08
N PHE B 292 12.28 10.54 -13.06
CA PHE B 292 13.64 10.19 -13.46
C PHE B 292 13.63 9.58 -14.87
N ARG B 293 14.65 9.91 -15.65
CA ARG B 293 14.73 9.49 -17.05
C ARG B 293 16.10 8.89 -17.31
N PHE B 294 16.13 7.59 -17.61
CA PHE B 294 17.36 6.93 -18.00
C PHE B 294 17.81 7.46 -19.36
N ASP B 295 19.06 7.92 -19.43
CA ASP B 295 19.60 8.49 -20.66
C ASP B 295 20.70 7.66 -21.29
N SER B 296 21.61 7.12 -20.48
CA SER B 296 22.67 6.24 -20.98
C SER B 296 23.46 5.56 -19.87
N TRP B 297 24.06 4.41 -20.16
CA TRP B 297 25.02 3.83 -19.24
C TRP B 297 26.34 4.59 -19.33
N VAL B 298 27.00 4.73 -18.18
CA VAL B 298 28.31 5.35 -18.09
C VAL B 298 29.18 4.53 -17.15
N ASN B 299 30.44 4.92 -17.00
CA ASN B 299 31.34 4.28 -16.07
C ASN B 299 31.32 4.99 -14.72
N GLN B 300 31.99 4.38 -13.73
CA GLN B 300 32.13 4.99 -12.42
C GLN B 300 32.93 6.28 -12.46
N PHE B 301 33.63 6.55 -13.55
CA PHE B 301 34.50 7.71 -13.68
C PHE B 301 33.75 8.96 -14.15
N TYR B 302 32.46 8.82 -14.44
CA TYR B 302 31.66 9.95 -14.90
C TYR B 302 31.57 11.01 -13.81
N THR B 303 31.72 12.28 -14.21
CA THR B 303 31.61 13.40 -13.29
C THR B 303 30.27 14.09 -13.51
N LEU B 304 29.42 14.07 -12.48
CA LEU B 304 28.08 14.62 -12.59
C LEU B 304 28.11 16.14 -12.43
N ALA B 305 27.12 16.79 -13.03
CA ALA B 305 26.94 18.22 -12.83
C ALA B 305 26.48 18.47 -11.40
N PRO B 306 27.12 19.38 -10.67
CA PRO B 306 26.72 19.62 -9.28
C PRO B 306 25.33 20.23 -9.19
N MET B 307 24.74 20.10 -8.00
CA MET B 307 23.44 20.69 -7.73
C MET B 307 23.49 21.56 -6.48
N GLN C 1 -21.50 -26.53 -8.47
CA GLN C 1 -20.70 -26.63 -9.69
C GLN C 1 -19.57 -27.64 -9.57
N VAL C 2 -19.34 -28.14 -8.36
CA VAL C 2 -18.24 -29.04 -8.08
C VAL C 2 -18.75 -30.25 -7.30
N GLN C 3 -18.33 -31.44 -7.73
CA GLN C 3 -18.58 -32.66 -6.97
C GLN C 3 -17.30 -33.49 -6.90
N LEU C 4 -16.91 -33.85 -5.69
CA LEU C 4 -15.79 -34.75 -5.45
C LEU C 4 -16.35 -36.10 -5.05
N GLN C 5 -15.96 -37.14 -5.77
CA GLN C 5 -16.46 -38.50 -5.51
C GLN C 5 -15.28 -39.38 -5.14
N GLU C 6 -15.27 -39.86 -3.89
CA GLU C 6 -14.24 -40.77 -3.44
C GLU C 6 -14.76 -42.21 -3.45
N SER C 7 -13.85 -43.14 -3.73
CA SER C 7 -14.20 -44.55 -3.90
C SER C 7 -13.10 -45.41 -3.29
N GLY C 8 -13.27 -46.72 -3.42
CA GLY C 8 -12.40 -47.66 -2.75
C GLY C 8 -12.72 -47.76 -1.28
N GLY C 9 -12.02 -48.67 -0.61
CA GLY C 9 -12.17 -48.82 0.82
C GLY C 9 -13.44 -49.53 1.24
N GLY C 10 -13.31 -50.42 2.22
CA GLY C 10 -14.46 -51.14 2.76
C GLY C 10 -14.13 -51.83 4.07
N LEU C 11 -14.08 -53.16 4.04
CA LEU C 11 -13.77 -53.96 5.22
C LEU C 11 -12.39 -54.59 5.02
N VAL C 12 -11.49 -54.36 5.98
CA VAL C 12 -10.13 -54.89 5.93
C VAL C 12 -9.75 -55.35 7.33
N GLN C 13 -8.98 -56.42 7.40
CA GLN C 13 -8.48 -56.92 8.67
C GLN C 13 -7.33 -56.06 9.18
N ALA C 14 -7.18 -56.01 10.50
CA ALA C 14 -6.07 -55.30 11.12
C ALA C 14 -4.74 -55.78 10.55
N GLY C 15 -3.97 -54.84 10.01
CA GLY C 15 -2.74 -55.13 9.31
C GLY C 15 -2.82 -55.00 7.80
N GLY C 16 -4.02 -54.88 7.24
CA GLY C 16 -4.20 -54.86 5.80
C GLY C 16 -4.07 -53.49 5.19
N SER C 17 -4.38 -53.42 3.89
CA SER C 17 -4.13 -52.23 3.09
C SER C 17 -5.37 -51.88 2.27
N LEU C 18 -5.45 -50.62 1.87
CA LEU C 18 -6.52 -50.12 1.02
C LEU C 18 -5.99 -49.00 0.14
N ASN C 19 -6.70 -48.75 -0.96
CA ASN C 19 -6.34 -47.69 -1.90
C ASN C 19 -7.58 -46.86 -2.19
N LEU C 20 -7.62 -45.64 -1.66
CA LEU C 20 -8.73 -44.73 -1.90
C LEU C 20 -8.44 -43.84 -3.10
N ALA C 21 -9.51 -43.46 -3.79
CA ALA C 21 -9.42 -42.56 -4.93
C ALA C 21 -10.50 -41.50 -4.80
N CYS C 22 -10.25 -40.33 -5.40
CA CYS C 22 -11.19 -39.22 -5.36
C CYS C 22 -11.16 -38.51 -6.71
N VAL C 23 -12.31 -38.45 -7.37
CA VAL C 23 -12.42 -37.93 -8.74
C VAL C 23 -13.12 -36.57 -8.69
N SER C 24 -12.53 -35.58 -9.35
CA SER C 24 -13.10 -34.24 -9.42
C SER C 24 -13.97 -34.10 -10.66
N SER C 25 -15.07 -33.35 -10.53
CA SER C 25 -15.97 -33.12 -11.65
C SER C 25 -16.60 -31.74 -11.50
N GLY C 26 -17.06 -31.20 -12.62
CA GLY C 26 -17.73 -29.92 -12.65
C GLY C 26 -16.81 -28.77 -13.03
N ARG C 27 -17.24 -27.56 -12.66
CA ARG C 27 -16.47 -26.35 -12.93
C ARG C 27 -15.36 -26.27 -11.89
N THR C 28 -14.25 -26.94 -12.18
CA THR C 28 -13.11 -27.09 -11.30
C THR C 28 -11.95 -26.26 -11.84
N PHE C 29 -10.95 -26.02 -10.98
CA PHE C 29 -9.70 -25.40 -11.40
C PHE C 29 -8.53 -26.19 -10.82
N SER C 30 -7.53 -26.43 -11.67
CA SER C 30 -6.51 -27.43 -11.38
C SER C 30 -5.52 -27.03 -10.29
N THR C 31 -5.48 -25.77 -9.89
CA THR C 31 -4.49 -25.32 -8.91
C THR C 31 -4.95 -25.46 -7.47
N TRP C 32 -6.16 -25.95 -7.24
CA TRP C 32 -6.72 -25.99 -5.89
C TRP C 32 -5.95 -26.96 -5.00
N LEU C 33 -5.59 -26.51 -3.81
CA LEU C 33 -5.02 -27.40 -2.80
C LEU C 33 -6.06 -28.41 -2.36
N MET C 34 -5.64 -29.66 -2.19
CA MET C 34 -6.55 -30.75 -1.88
C MET C 34 -5.97 -31.59 -0.75
N GLY C 35 -6.85 -32.36 -0.10
CA GLY C 35 -6.42 -33.18 1.01
C GLY C 35 -7.43 -34.24 1.36
N TRP C 36 -7.05 -35.07 2.33
CA TRP C 36 -7.89 -36.15 2.84
C TRP C 36 -8.23 -35.88 4.30
N PHE C 37 -9.48 -36.17 4.66
CA PHE C 37 -9.95 -36.05 6.03
C PHE C 37 -10.71 -37.31 6.41
N ARG C 38 -10.89 -37.51 7.71
CA ARG C 38 -11.61 -38.68 8.20
C ARG C 38 -12.39 -38.32 9.45
N GLN C 39 -13.55 -38.95 9.61
CA GLN C 39 -14.42 -38.71 10.75
C GLN C 39 -15.09 -40.01 11.16
N ALA C 40 -15.01 -40.32 12.44
CA ALA C 40 -15.69 -41.47 13.03
C ALA C 40 -16.98 -41.05 13.70
N PRO C 41 -17.94 -41.97 13.81
CA PRO C 41 -19.22 -41.62 14.47
C PRO C 41 -19.01 -41.03 15.85
N GLY C 42 -19.66 -39.90 16.11
CA GLY C 42 -19.59 -39.26 17.40
C GLY C 42 -18.31 -38.54 17.71
N LYS C 43 -17.40 -38.41 16.74
CA LYS C 43 -16.13 -37.73 16.94
C LYS C 43 -16.00 -36.57 15.96
N GLU C 44 -14.86 -35.88 16.05
CA GLU C 44 -14.60 -34.68 15.26
C GLU C 44 -13.82 -35.04 14.00
N ARG C 45 -14.11 -34.31 12.92
CA ARG C 45 -13.40 -34.51 11.67
C ARG C 45 -11.95 -34.03 11.82
N GLU C 46 -11.01 -34.86 11.34
CA GLU C 46 -9.60 -34.62 11.58
C GLU C 46 -8.80 -34.73 10.28
N PHE C 47 -7.67 -34.03 10.26
CA PHE C 47 -6.83 -33.96 9.07
C PHE C 47 -6.04 -35.26 8.88
N VAL C 48 -5.87 -35.66 7.62
CA VAL C 48 -5.17 -36.89 7.31
C VAL C 48 -3.95 -36.60 6.45
N ALA C 49 -4.17 -35.94 5.32
CA ALA C 49 -3.08 -35.66 4.39
C ALA C 49 -3.49 -34.54 3.44
N SER C 50 -2.49 -33.89 2.85
CA SER C 50 -2.71 -32.85 1.86
C SER C 50 -1.58 -32.89 0.83
N ILE C 51 -1.87 -32.40 -0.37
CA ILE C 51 -0.87 -32.31 -1.43
C ILE C 51 -1.30 -31.22 -2.40
N ASP C 52 -0.31 -30.51 -2.93
CA ASP C 52 -0.57 -29.41 -3.86
C ASP C 52 -0.75 -29.94 -5.28
N TRP C 53 -1.07 -29.03 -6.20
CA TRP C 53 -1.34 -29.43 -7.58
C TRP C 53 -0.09 -29.87 -8.33
N ARG C 54 1.10 -29.54 -7.83
CA ARG C 54 2.34 -29.94 -8.46
C ARG C 54 3.01 -31.11 -7.76
N SER C 55 2.34 -31.72 -6.77
CA SER C 55 2.92 -32.79 -5.96
C SER C 55 4.24 -32.35 -5.31
N SER C 56 4.37 -31.04 -5.09
CA SER C 56 5.61 -30.49 -4.54
C SER C 56 5.71 -30.73 -3.03
N SER C 57 4.61 -30.55 -2.31
CA SER C 57 4.62 -30.56 -0.85
C SER C 57 3.54 -31.50 -0.35
N THR C 58 3.95 -32.54 0.38
CA THR C 58 3.04 -33.49 1.00
C THR C 58 3.04 -33.28 2.50
N THR C 59 1.87 -33.41 3.11
CA THR C 59 1.69 -33.22 4.55
C THR C 59 0.90 -34.38 5.12
N TYR C 60 1.31 -34.88 6.27
CA TYR C 60 0.67 -36.02 6.90
C TYR C 60 0.44 -35.76 8.38
N ALA C 61 -0.72 -36.21 8.87
CA ALA C 61 -0.93 -36.25 10.31
C ALA C 61 0.06 -37.20 10.95
N ASP C 62 0.42 -36.92 12.20
CA ASP C 62 1.39 -37.76 12.91
C ASP C 62 0.92 -39.20 13.00
N SER C 63 -0.40 -39.40 13.12
CA SER C 63 -0.97 -40.72 13.34
C SER C 63 -1.01 -41.59 12.10
N VAL C 64 -0.61 -41.07 10.93
CA VAL C 64 -0.62 -41.82 9.69
C VAL C 64 0.71 -41.78 8.96
N LYS C 65 1.69 -41.02 9.45
CA LYS C 65 2.96 -40.91 8.74
C LYS C 65 3.69 -42.24 8.72
N GLY C 66 4.24 -42.58 7.56
CA GLY C 66 4.92 -43.86 7.38
C GLY C 66 4.01 -44.90 6.76
N ARG C 67 2.74 -44.89 7.17
CA ARG C 67 1.78 -45.88 6.70
C ARG C 67 1.03 -45.42 5.44
N PHE C 68 0.70 -44.13 5.37
CA PHE C 68 -0.13 -43.60 4.29
C PHE C 68 0.72 -42.85 3.27
N THR C 69 0.21 -42.77 2.05
CA THR C 69 0.87 -42.04 0.97
C THR C 69 -0.18 -41.32 0.15
N ILE C 70 -0.08 -40.00 0.08
CA ILE C 70 -0.99 -39.19 -0.73
C ILE C 70 -0.34 -38.96 -2.09
N SER C 71 -1.16 -38.97 -3.14
CA SER C 71 -0.68 -38.84 -4.51
C SER C 71 -1.75 -38.19 -5.36
N ARG C 72 -1.32 -37.49 -6.40
CA ARG C 72 -2.22 -36.68 -7.21
C ARG C 72 -1.88 -36.83 -8.68
N ASP C 73 -2.92 -37.02 -9.49
CA ASP C 73 -2.80 -37.15 -10.95
C ASP C 73 -3.78 -36.16 -11.57
N ASN C 74 -3.27 -34.99 -11.95
CA ASN C 74 -4.15 -33.91 -12.40
C ASN C 74 -4.80 -34.24 -13.75
N ALA C 75 -4.07 -34.93 -14.63
CA ALA C 75 -4.63 -35.24 -15.95
C ALA C 75 -5.81 -36.19 -15.85
N LYS C 76 -5.85 -37.00 -14.79
CA LYS C 76 -6.98 -37.89 -14.55
C LYS C 76 -7.98 -37.32 -13.55
N ASN C 77 -7.74 -36.11 -13.05
CA ASN C 77 -8.63 -35.45 -12.09
C ASN C 77 -8.87 -36.33 -10.87
N THR C 78 -7.81 -37.00 -10.41
CA THR C 78 -7.94 -37.99 -9.35
C THR C 78 -6.85 -37.80 -8.30
N MET C 79 -7.25 -37.88 -7.04
CA MET C 79 -6.33 -37.91 -5.90
C MET C 79 -6.40 -39.28 -5.24
N TYR C 80 -5.26 -39.74 -4.74
CA TYR C 80 -5.14 -41.08 -4.19
C TYR C 80 -4.63 -41.04 -2.75
N LEU C 81 -4.98 -42.08 -1.99
CA LEU C 81 -4.45 -42.28 -0.63
C LEU C 81 -4.20 -43.77 -0.45
N GLN C 82 -2.94 -44.17 -0.53
CA GLN C 82 -2.56 -45.56 -0.31
C GLN C 82 -2.33 -45.78 1.18
N MET C 83 -3.13 -46.66 1.78
CA MET C 83 -3.05 -46.95 3.20
C MET C 83 -2.48 -48.33 3.44
N THR C 84 -1.59 -48.43 4.43
CA THR C 84 -1.01 -49.70 4.85
C THR C 84 -1.02 -49.77 6.38
N GLY C 85 -0.81 -50.97 6.90
CA GLY C 85 -0.75 -51.18 8.33
C GLY C 85 -1.98 -50.72 9.08
N LEU C 86 -3.16 -50.96 8.51
CA LEU C 86 -4.38 -50.40 9.07
C LEU C 86 -4.72 -51.03 10.42
N LYS C 87 -4.94 -50.18 11.40
CA LYS C 87 -5.42 -50.55 12.71
C LYS C 87 -6.89 -50.22 12.85
N PRO C 88 -7.60 -50.87 13.78
CA PRO C 88 -8.99 -50.48 14.03
C PRO C 88 -9.16 -49.00 14.37
N GLU C 89 -8.10 -48.32 14.81
CA GLU C 89 -8.16 -46.88 15.05
C GLU C 89 -8.53 -46.12 13.79
N ASP C 90 -8.19 -46.65 12.62
CA ASP C 90 -8.39 -45.95 11.36
C ASP C 90 -9.81 -46.10 10.81
N THR C 91 -10.72 -46.73 11.56
CA THR C 91 -12.09 -46.86 11.12
C THR C 91 -12.78 -45.51 11.13
N ALA C 92 -13.25 -45.07 9.97
CA ALA C 92 -13.90 -43.77 9.81
C ALA C 92 -14.42 -43.66 8.38
N VAL C 93 -15.20 -42.61 8.15
CA VAL C 93 -15.51 -42.17 6.79
C VAL C 93 -14.37 -41.28 6.32
N TYR C 94 -13.85 -41.57 5.13
CA TYR C 94 -12.73 -40.80 4.58
C TYR C 94 -13.27 -39.87 3.49
N TYR C 95 -13.01 -38.58 3.65
CA TYR C 95 -13.48 -37.56 2.72
C TYR C 95 -12.28 -36.90 2.05
N CYS C 96 -12.42 -36.62 0.75
CA CYS C 96 -11.49 -35.74 0.05
C CYS C 96 -12.09 -34.34 -0.03
N ALA C 97 -11.22 -33.33 0.07
CA ALA C 97 -11.65 -31.95 0.12
C ALA C 97 -10.72 -31.10 -0.72
N SER C 98 -11.17 -29.87 -1.03
CA SER C 98 -10.44 -28.99 -1.92
C SER C 98 -10.64 -27.54 -1.50
N ASP C 99 -9.55 -26.79 -1.41
CA ASP C 99 -9.56 -25.38 -1.03
C ASP C 99 -9.37 -24.54 -2.29
N ARG C 100 -10.43 -23.84 -2.70
CA ARG C 100 -10.37 -23.01 -3.90
C ARG C 100 -9.54 -21.74 -3.70
N ASP C 101 -9.25 -21.36 -2.46
CA ASP C 101 -8.54 -20.11 -2.20
C ASP C 101 -7.03 -20.24 -2.22
N HIS C 102 -6.49 -21.45 -2.13
CA HIS C 102 -5.07 -21.63 -1.91
C HIS C 102 -4.49 -22.69 -2.84
N TYR C 103 -3.20 -22.55 -3.12
CA TYR C 103 -2.47 -23.46 -3.99
C TYR C 103 -1.21 -24.03 -3.35
N SER C 104 -0.66 -23.39 -2.32
CA SER C 104 0.62 -23.79 -1.77
C SER C 104 0.47 -24.98 -0.84
N GLY C 105 1.25 -26.03 -1.09
CA GLY C 105 1.31 -27.16 -0.19
C GLY C 105 1.89 -26.83 1.18
N THR C 106 2.38 -25.61 1.37
CA THR C 106 2.83 -25.13 2.68
C THR C 106 1.91 -24.04 3.22
N TYR C 107 0.72 -23.88 2.65
CA TYR C 107 -0.27 -22.98 3.24
C TYR C 107 -0.48 -23.33 4.69
N TYR C 108 -0.20 -22.37 5.58
CA TYR C 108 -0.08 -22.66 7.00
C TYR C 108 -1.38 -23.13 7.64
N GLY C 109 -2.52 -22.97 6.99
CA GLY C 109 -3.78 -23.43 7.54
C GLY C 109 -4.33 -24.66 6.84
N ARG C 110 -3.46 -25.40 6.15
CA ARG C 110 -3.90 -26.50 5.30
C ARG C 110 -4.48 -27.68 6.07
N ARG C 111 -4.32 -27.74 7.39
CA ARG C 111 -4.88 -28.83 8.17
C ARG C 111 -6.25 -28.51 8.75
N PHE C 112 -6.68 -27.25 8.71
CA PHE C 112 -7.98 -26.88 9.25
C PHE C 112 -9.10 -27.30 8.31
N VAL C 113 -10.16 -27.84 8.89
CA VAL C 113 -11.29 -28.33 8.09
C VAL C 113 -11.98 -27.16 7.41
N GLU C 114 -12.21 -26.07 8.14
CA GLU C 114 -13.03 -24.96 7.65
C GLU C 114 -12.37 -24.17 6.52
N GLU C 115 -11.11 -24.46 6.18
CA GLU C 115 -10.47 -23.80 5.06
C GLU C 115 -10.83 -24.42 3.72
N TYR C 116 -11.27 -25.67 3.71
CA TYR C 116 -11.61 -26.35 2.47
C TYR C 116 -13.06 -26.09 2.11
N ASP C 117 -13.32 -25.90 0.81
CA ASP C 117 -14.59 -25.38 0.35
C ASP C 117 -15.46 -26.40 -0.39
N TYR C 118 -14.87 -27.51 -0.84
CA TYR C 118 -15.62 -28.55 -1.54
C TYR C 118 -15.31 -29.90 -0.91
N TRP C 119 -16.37 -30.70 -0.70
CA TRP C 119 -16.24 -31.94 0.03
C TRP C 119 -17.02 -33.04 -0.67
N GLY C 120 -16.48 -34.26 -0.62
CA GLY C 120 -17.20 -35.41 -1.11
C GLY C 120 -18.07 -36.04 -0.05
N GLN C 121 -18.91 -36.98 -0.48
CA GLN C 121 -19.77 -37.68 0.45
C GLN C 121 -19.04 -38.72 1.30
N GLY C 122 -17.82 -39.08 0.93
CA GLY C 122 -17.01 -39.96 1.74
C GLY C 122 -17.16 -41.42 1.35
N THR C 123 -16.13 -42.20 1.70
CA THR C 123 -16.14 -43.64 1.56
C THR C 123 -15.83 -44.25 2.91
N GLN C 124 -16.54 -45.34 3.24
CA GLN C 124 -16.41 -45.96 4.56
C GLN C 124 -15.24 -46.93 4.58
N VAL C 125 -14.40 -46.79 5.60
CA VAL C 125 -13.30 -47.71 5.86
C VAL C 125 -13.54 -48.33 7.23
N THR C 126 -13.55 -49.66 7.28
CA THR C 126 -13.79 -50.40 8.51
C THR C 126 -12.67 -51.41 8.69
N VAL C 127 -11.86 -51.22 9.72
CA VAL C 127 -10.80 -52.16 10.08
C VAL C 127 -11.27 -52.97 11.27
N SER C 128 -11.23 -54.30 11.13
CA SER C 128 -11.78 -55.21 12.13
C SER C 128 -10.64 -55.82 12.94
N SER C 129 -10.70 -55.67 14.26
CA SER C 129 -9.74 -56.33 15.13
C SER C 129 -9.99 -57.82 15.14
N HIS C 130 -8.98 -58.58 15.59
CA HIS C 130 -9.15 -60.01 15.79
C HIS C 130 -10.13 -60.32 16.92
N HIS C 131 -10.46 -59.32 17.74
CA HIS C 131 -11.36 -59.46 18.88
C HIS C 131 -12.59 -58.59 18.59
N HIS C 132 -13.72 -59.24 18.31
CA HIS C 132 -14.90 -58.54 17.84
C HIS C 132 -15.65 -57.87 18.98
N HIS C 133 -16.33 -56.77 18.64
CA HIS C 133 -17.15 -56.05 19.62
C HIS C 133 -18.27 -56.95 20.14
N HIS C 134 -18.71 -56.67 21.36
CA HIS C 134 -19.86 -57.35 21.96
C HIS C 134 -20.35 -56.60 23.18
N GLN D 1 24.91 28.09 3.51
CA GLN D 1 23.88 27.39 2.75
C GLN D 1 23.05 28.36 1.90
N VAL D 2 21.79 28.55 2.26
CA VAL D 2 20.87 29.42 1.53
C VAL D 2 20.82 30.77 2.23
N GLN D 3 20.89 31.84 1.44
CA GLN D 3 20.76 33.21 1.93
C GLN D 3 19.62 33.90 1.19
N LEU D 4 18.70 34.50 1.94
CA LEU D 4 17.59 35.25 1.38
C LEU D 4 17.75 36.71 1.77
N GLN D 5 17.71 37.59 0.77
CA GLN D 5 18.07 39.00 0.93
C GLN D 5 17.00 39.85 0.26
N GLU D 6 16.20 40.56 1.06
CA GLU D 6 15.13 41.39 0.55
C GLU D 6 15.48 42.87 0.70
N SER D 7 15.03 43.67 -0.26
CA SER D 7 15.40 45.08 -0.34
C SER D 7 14.22 45.91 -0.84
N GLY D 8 14.33 47.22 -0.68
CA GLY D 8 13.38 48.15 -1.25
C GLY D 8 12.41 48.79 -0.28
N GLY D 9 12.65 48.71 1.02
CA GLY D 9 11.74 49.26 2.01
C GLY D 9 12.19 50.62 2.51
N GLY D 10 11.37 51.63 2.25
CA GLY D 10 11.64 52.97 2.74
C GLY D 10 10.52 53.52 3.59
N LEU D 11 10.45 54.84 3.73
CA LEU D 11 9.33 55.52 4.36
C LEU D 11 8.45 56.12 3.28
N VAL D 12 7.13 56.06 3.49
CA VAL D 12 6.17 56.49 2.47
C VAL D 12 5.00 57.19 3.14
N GLN D 13 4.32 58.02 2.34
CA GLN D 13 3.07 58.63 2.74
C GLN D 13 1.93 57.64 2.54
N ALA D 14 0.87 57.81 3.35
CA ALA D 14 -0.32 57.01 3.17
C ALA D 14 -0.86 57.15 1.75
N GLY D 15 -1.20 56.02 1.14
CA GLY D 15 -1.60 56.02 -0.24
C GLY D 15 -0.46 55.92 -1.23
N GLY D 16 0.77 55.73 -0.76
CA GLY D 16 1.92 55.67 -1.62
C GLY D 16 2.18 54.28 -2.17
N SER D 17 3.30 54.15 -2.89
CA SER D 17 3.68 52.89 -3.51
C SER D 17 5.09 52.51 -3.09
N LEU D 18 5.41 51.24 -3.29
CA LEU D 18 6.71 50.68 -2.91
C LEU D 18 6.88 49.35 -3.64
N ASN D 19 8.11 49.08 -4.07
CA ASN D 19 8.42 47.86 -4.83
C ASN D 19 9.49 47.09 -4.10
N LEU D 20 9.09 46.02 -3.40
CA LEU D 20 10.03 45.18 -2.68
C LEU D 20 10.62 44.13 -3.61
N ALA D 21 11.87 43.75 -3.33
CA ALA D 21 12.57 42.72 -4.08
C ALA D 21 13.20 41.74 -3.09
N CYS D 22 13.45 40.53 -3.58
CA CYS D 22 14.07 39.48 -2.77
C CYS D 22 14.98 38.65 -3.65
N VAL D 23 16.23 38.48 -3.25
CA VAL D 23 17.23 37.77 -4.03
C VAL D 23 17.67 36.54 -3.26
N SER D 24 17.62 35.38 -3.90
CA SER D 24 17.99 34.11 -3.29
C SER D 24 19.43 33.76 -3.68
N SER D 25 20.22 33.33 -2.69
CA SER D 25 21.62 32.99 -2.91
C SER D 25 21.92 31.63 -2.29
N GLY D 26 22.97 30.99 -2.80
CA GLY D 26 23.49 29.78 -2.20
C GLY D 26 22.89 28.49 -2.75
N ARG D 27 22.73 27.49 -1.88
CA ARG D 27 22.23 26.18 -2.26
C ARG D 27 20.71 26.21 -2.47
N THR D 28 20.22 27.14 -3.26
CA THR D 28 18.80 27.13 -3.52
C THR D 28 18.45 26.03 -4.51
N PHE D 29 17.16 25.73 -4.61
CA PHE D 29 16.65 24.82 -5.63
C PHE D 29 15.50 25.52 -6.33
N SER D 30 15.51 25.50 -7.67
CA SER D 30 14.64 26.35 -8.48
C SER D 30 13.16 26.11 -8.25
N THR D 31 12.77 25.00 -7.62
CA THR D 31 11.37 24.57 -7.59
C THR D 31 10.67 24.81 -6.25
N TRP D 32 11.35 25.42 -5.28
CA TRP D 32 10.74 25.65 -3.97
C TRP D 32 9.60 26.67 -4.07
N LEU D 33 8.58 26.47 -3.22
CA LEU D 33 7.52 27.46 -3.07
C LEU D 33 8.03 28.66 -2.30
N MET D 34 7.58 29.86 -2.69
CA MET D 34 8.06 31.09 -2.10
C MET D 34 6.88 31.99 -1.74
N GLY D 35 7.13 32.93 -0.83
CA GLY D 35 6.08 33.84 -0.40
C GLY D 35 6.62 34.97 0.43
N TRP D 36 5.75 35.96 0.67
CA TRP D 36 6.07 37.13 1.47
C TRP D 36 5.27 37.11 2.76
N PHE D 37 5.91 37.49 3.86
CA PHE D 37 5.28 37.64 5.16
C PHE D 37 5.65 39.00 5.74
N ARG D 38 4.99 39.37 6.83
CA ARG D 38 5.29 40.63 7.49
C ARG D 38 5.02 40.51 8.99
N GLN D 39 5.72 41.34 9.77
CA GLN D 39 5.57 41.36 11.22
C GLN D 39 5.73 42.79 11.73
N ALA D 40 4.70 43.28 12.42
CA ALA D 40 4.78 44.53 13.18
C ALA D 40 5.25 44.28 14.59
N PRO D 41 5.95 45.26 15.13
CA PRO D 41 6.41 45.15 16.51
C PRO D 41 5.24 44.81 17.45
N GLY D 42 5.40 43.75 18.29
CA GLY D 42 4.45 43.26 19.31
C GLY D 42 3.34 42.39 18.78
N LYS D 43 3.27 42.18 17.48
CA LYS D 43 2.23 41.39 16.85
C LYS D 43 2.84 40.12 16.29
N GLU D 44 1.96 39.22 15.89
CA GLU D 44 2.37 37.96 15.29
C GLU D 44 2.67 38.16 13.81
N ARG D 45 3.59 37.35 13.29
CA ARG D 45 3.88 37.36 11.87
C ARG D 45 2.67 36.88 11.09
N GLU D 46 2.40 37.52 9.96
CA GLU D 46 1.22 37.20 9.17
C GLU D 46 1.58 37.06 7.70
N PHE D 47 0.90 36.11 7.04
CA PHE D 47 1.09 35.84 5.63
C PHE D 47 0.63 37.01 4.78
N VAL D 48 1.31 37.22 3.65
CA VAL D 48 0.97 38.33 2.76
C VAL D 48 0.64 37.79 1.37
N ALA D 49 1.57 37.05 0.77
CA ALA D 49 1.38 36.51 -0.56
C ALA D 49 2.34 35.36 -0.80
N SER D 50 2.04 34.56 -1.82
CA SER D 50 2.87 33.42 -2.21
C SER D 50 2.67 33.13 -3.69
N ILE D 51 3.66 32.46 -4.27
CA ILE D 51 3.65 32.18 -5.70
C ILE D 51 4.61 31.03 -5.97
N ASP D 52 4.18 30.10 -6.82
CA ASP D 52 4.99 28.94 -7.16
C ASP D 52 6.13 29.34 -8.09
N TRP D 53 7.02 28.38 -8.34
CA TRP D 53 8.19 28.62 -9.17
C TRP D 53 7.86 28.86 -10.64
N ARG D 54 6.61 28.63 -11.04
CA ARG D 54 6.19 28.82 -12.42
C ARG D 54 5.21 29.96 -12.60
N SER D 55 4.88 30.68 -11.53
CA SER D 55 3.86 31.74 -11.55
C SER D 55 2.51 31.20 -12.03
N SER D 56 2.24 29.92 -11.77
CA SER D 56 0.98 29.34 -12.18
C SER D 56 -0.16 29.76 -11.27
N SER D 57 0.11 29.93 -9.98
CA SER D 57 -0.92 30.18 -8.99
C SER D 57 -0.45 31.26 -8.04
N THR D 58 -1.18 32.37 -7.99
CA THR D 58 -0.89 33.46 -7.09
C THR D 58 -1.86 33.43 -5.92
N THR D 59 -1.37 33.81 -4.73
CA THR D 59 -2.17 33.80 -3.52
C THR D 59 -1.90 35.08 -2.74
N TYR D 60 -2.96 35.69 -2.21
CA TYR D 60 -2.84 36.93 -1.47
C TYR D 60 -3.67 36.86 -0.20
N ALA D 61 -3.15 37.45 0.87
CA ALA D 61 -3.97 37.67 2.05
C ALA D 61 -5.10 38.64 1.72
N ASP D 62 -6.26 38.43 2.35
CA ASP D 62 -7.43 39.23 2.05
C ASP D 62 -7.17 40.71 2.25
N SER D 63 -6.38 41.06 3.27
CA SER D 63 -6.13 42.46 3.61
C SER D 63 -5.22 43.16 2.62
N VAL D 64 -4.78 42.52 1.53
CA VAL D 64 -3.85 43.16 0.59
C VAL D 64 -4.28 42.89 -0.86
N LYS D 65 -5.37 42.16 -1.05
CA LYS D 65 -5.79 41.83 -2.41
C LYS D 65 -6.18 43.09 -3.17
N GLY D 66 -5.74 43.17 -4.42
CA GLY D 66 -6.00 44.31 -5.27
C GLY D 66 -5.00 45.44 -5.15
N ARG D 67 -4.33 45.56 -4.00
CA ARG D 67 -3.32 46.59 -3.81
C ARG D 67 -1.90 46.07 -4.00
N PHE D 68 -1.65 44.80 -3.69
CA PHE D 68 -0.33 44.20 -3.82
C PHE D 68 -0.33 43.20 -4.97
N THR D 69 0.84 43.03 -5.59
CA THR D 69 1.02 42.04 -6.65
C THR D 69 2.36 41.36 -6.44
N ILE D 70 2.36 40.03 -6.45
CA ILE D 70 3.57 39.25 -6.21
C ILE D 70 4.11 38.77 -7.55
N SER D 71 5.43 38.69 -7.65
CA SER D 71 6.12 38.46 -8.92
C SER D 71 7.38 37.66 -8.69
N ARG D 72 7.73 36.82 -9.66
CA ARG D 72 8.88 35.93 -9.54
C ARG D 72 9.61 35.82 -10.87
N ASP D 73 10.94 35.94 -10.81
CA ASP D 73 11.82 35.81 -11.97
C ASP D 73 12.94 34.86 -11.58
N ASN D 74 12.87 33.63 -12.08
CA ASN D 74 13.90 32.63 -11.77
C ASN D 74 15.23 32.99 -12.42
N ALA D 75 15.19 33.50 -13.66
CA ALA D 75 16.42 33.85 -14.36
C ALA D 75 17.22 34.93 -13.66
N LYS D 76 16.56 35.74 -12.83
CA LYS D 76 17.24 36.74 -12.01
C LYS D 76 17.35 36.31 -10.55
N ASN D 77 16.84 35.13 -10.19
CA ASN D 77 16.84 34.65 -8.81
C ASN D 77 16.18 35.66 -7.88
N THR D 78 15.07 36.23 -8.34
CA THR D 78 14.46 37.36 -7.64
C THR D 78 12.95 37.20 -7.56
N MET D 79 12.38 37.59 -6.42
CA MET D 79 10.94 37.67 -6.21
C MET D 79 10.58 39.10 -5.82
N TYR D 80 9.46 39.59 -6.35
CA TYR D 80 9.08 40.98 -6.17
C TYR D 80 7.71 41.08 -5.51
N LEU D 81 7.51 42.18 -4.77
CA LEU D 81 6.22 42.53 -4.18
C LEU D 81 5.91 43.97 -4.58
N GLN D 82 5.07 44.14 -5.61
CA GLN D 82 4.64 45.46 -6.03
C GLN D 82 3.51 45.93 -5.12
N MET D 83 3.73 47.05 -4.44
CA MET D 83 2.82 47.52 -3.40
C MET D 83 2.30 48.90 -3.76
N THR D 84 0.98 49.05 -3.79
CA THR D 84 0.33 50.33 -4.07
C THR D 84 -0.75 50.58 -3.02
N GLY D 85 -1.19 51.84 -2.96
CA GLY D 85 -2.28 52.24 -2.07
C GLY D 85 -2.04 51.94 -0.61
N LEU D 86 -0.82 52.16 -0.13
CA LEU D 86 -0.44 51.72 1.21
C LEU D 86 -1.22 52.46 2.29
N LYS D 87 -1.37 51.81 3.42
CA LYS D 87 -2.03 52.33 4.61
C LYS D 87 -1.09 52.19 5.80
N PRO D 88 -1.32 52.94 6.88
CA PRO D 88 -0.50 52.77 8.09
C PRO D 88 -0.55 51.36 8.65
N GLU D 89 -1.61 50.60 8.37
CA GLU D 89 -1.67 49.21 8.83
C GLU D 89 -0.62 48.34 8.16
N ASP D 90 -0.09 48.76 7.00
CA ASP D 90 0.93 48.01 6.29
C ASP D 90 2.32 48.17 6.91
N THR D 91 2.46 48.95 7.98
CA THR D 91 3.75 49.15 8.61
C THR D 91 4.20 47.87 9.31
N ALA D 92 5.34 47.33 8.89
CA ALA D 92 5.88 46.10 9.44
C ALA D 92 7.26 45.86 8.86
N VAL D 93 7.90 44.79 9.32
CA VAL D 93 9.09 44.24 8.68
C VAL D 93 8.64 43.14 7.74
N TYR D 94 8.97 43.27 6.46
CA TYR D 94 8.53 42.33 5.44
C TYR D 94 9.61 41.28 5.19
N TYR D 95 9.21 40.02 5.20
CA TYR D 95 10.15 38.90 5.10
C TYR D 95 9.91 38.11 3.82
N CYS D 96 10.96 37.90 3.06
CA CYS D 96 10.98 36.89 2.01
C CYS D 96 11.12 35.51 2.65
N ALA D 97 10.55 34.50 2.00
CA ALA D 97 10.59 33.16 2.56
C ALA D 97 10.39 32.13 1.44
N SER D 98 10.84 30.90 1.72
CA SER D 98 10.76 29.81 0.75
C SER D 98 10.66 28.49 1.49
N ASP D 99 9.82 27.59 0.96
CA ASP D 99 9.58 26.28 1.55
C ASP D 99 10.23 25.22 0.67
N ARG D 100 11.25 24.54 1.20
CA ARG D 100 11.96 23.53 0.44
C ARG D 100 11.18 22.24 0.27
N ASP D 101 10.09 22.05 1.02
CA ASP D 101 9.35 20.79 0.98
C ASP D 101 8.27 20.75 -0.09
N HIS D 102 7.82 21.91 -0.57
CA HIS D 102 6.67 21.96 -1.47
C HIS D 102 6.98 22.82 -2.69
N TYR D 103 6.14 22.65 -3.71
CA TYR D 103 6.29 23.32 -4.99
C TYR D 103 4.97 23.92 -5.46
N SER D 104 3.86 23.31 -5.07
CA SER D 104 2.56 23.67 -5.63
C SER D 104 2.10 25.03 -5.11
N GLY D 105 1.64 25.88 -6.03
CA GLY D 105 1.06 27.14 -5.64
C GLY D 105 -0.27 27.02 -4.91
N THR D 106 -0.84 25.81 -4.85
CA THR D 106 -2.08 25.57 -4.12
C THR D 106 -1.88 24.63 -2.95
N TYR D 107 -0.65 24.47 -2.47
CA TYR D 107 -0.40 23.75 -1.24
C TYR D 107 -1.24 24.34 -0.11
N TYR D 108 -2.11 23.51 0.48
CA TYR D 108 -3.14 24.03 1.37
C TYR D 108 -2.58 24.65 2.64
N GLY D 109 -1.29 24.45 2.93
CA GLY D 109 -0.68 25.07 4.10
C GLY D 109 0.26 26.20 3.77
N ARG D 110 0.10 26.80 2.59
CA ARG D 110 1.07 27.79 2.10
C ARG D 110 1.02 29.10 2.87
N ARG D 111 -0.04 29.34 3.64
CA ARG D 111 -0.18 30.58 4.40
C ARG D 111 0.46 30.49 5.79
N PHE D 112 0.98 29.33 6.18
CA PHE D 112 1.47 29.11 7.53
C PHE D 112 2.94 29.45 7.63
N VAL D 113 3.29 30.25 8.64
CA VAL D 113 4.68 30.67 8.84
C VAL D 113 5.59 29.46 9.05
N GLU D 114 5.11 28.46 9.80
CA GLU D 114 5.95 27.33 10.16
C GLU D 114 6.29 26.44 8.98
N GLU D 115 5.47 26.45 7.92
CA GLU D 115 5.75 25.60 6.77
C GLU D 115 7.00 26.02 6.03
N TYR D 116 7.46 27.26 6.23
CA TYR D 116 8.61 27.78 5.51
C TYR D 116 9.88 27.57 6.32
N ASP D 117 10.96 27.24 5.62
CA ASP D 117 12.20 26.82 6.25
C ASP D 117 13.36 27.77 6.03
N TYR D 118 13.25 28.71 5.10
CA TYR D 118 14.28 29.73 4.89
C TYR D 118 13.61 31.10 4.86
N TRP D 119 14.35 32.10 5.36
CA TRP D 119 13.80 33.42 5.64
C TRP D 119 14.86 34.49 5.37
N GLY D 120 14.40 35.65 4.91
CA GLY D 120 15.25 36.81 4.88
C GLY D 120 15.37 37.45 6.25
N GLN D 121 16.26 38.44 6.35
CA GLN D 121 16.39 39.19 7.59
C GLN D 121 15.36 40.29 7.73
N GLY D 122 14.73 40.69 6.63
CA GLY D 122 13.63 41.62 6.68
C GLY D 122 13.98 42.98 6.11
N THR D 123 12.97 43.62 5.52
CA THR D 123 13.05 45.01 5.09
C THR D 123 11.94 45.80 5.77
N GLN D 124 12.26 47.03 6.18
CA GLN D 124 11.34 47.83 6.97
C GLN D 124 10.53 48.74 6.06
N VAL D 125 9.21 48.58 6.10
CA VAL D 125 8.27 49.47 5.42
C VAL D 125 7.47 50.20 6.49
N THR D 126 7.45 51.53 6.39
CA THR D 126 6.73 52.37 7.35
C THR D 126 5.88 53.37 6.60
N VAL D 127 4.58 53.38 6.89
CA VAL D 127 3.61 54.21 6.20
C VAL D 127 3.01 55.18 7.22
N SER D 128 3.27 56.47 7.02
CA SER D 128 2.84 57.50 7.96
C SER D 128 1.58 58.20 7.45
N SER D 129 0.91 58.89 8.37
CA SER D 129 -0.31 59.62 8.05
C SER D 129 -0.18 61.08 8.46
#